data_2XCG
#
_entry.id   2XCG
#
_cell.length_a   131.893
_cell.length_b   223.706
_cell.length_c   86.716
_cell.angle_alpha   90.00
_cell.angle_beta   90.00
_cell.angle_gamma   90.00
#
_symmetry.space_group_name_H-M   'C 2 2 2'
#
loop_
_entity.id
_entity.type
_entity.pdbx_description
1 polymer 'Amine oxidase [flavin-containing] B'
2 non-polymer '[[(2R,3S,4S)-5-[(4AS)-7,8-DIMETHYL-2,4-DIOXO-4A,5-DIHYDROBENZO[G]PTERIDIN-10-YL]-2,3,4-TRIHYDROXY-PENTOXY]-HYDROXY-PHOSPHORYL] [(2R,3S,4R,5R)-5-(6-AMINOPURIN-9-YL)-3,4-DIHYDROXY-OXOLAN-2-YL]METHYL HYDROGEN PHOSPHATE'
3 non-polymer 3-PHENYLPROPANAL
4 non-polymer 2-(2-BENZOFURANYL)-2-IMIDAZOLINE
5 non-polymer N-DODECYL-N,N-DIMETHYL-3-AMMONIO-1-PROPANESULFONATE
6 water water
#
_entity_poly.entity_id   1
_entity_poly.type   'polypeptide(L)'
_entity_poly.pdbx_seq_one_letter_code
;MSNKCDVVVVGGGISGMAAAKLLHDSGLNVVVLEARDRVGGRTYTLRNQKVKYVDLGGSYVGPTQNRILRLAKELGLETY
KVNEVERLIHHVKGKSYPFRGPFPPVWNPITYLDHNNFWRTMDDMGREIPSDAPWKAPLAEEWDNMTMKELLDKLCWTES
AKQLATLFVNLCVTAETHEVSALWFLWYVKQCGGTTRIISTTNGGQERKFVGGSGQVSERIMDLLGDRVKLERPVIYIDQ
TRENVLVETLNHEMYEAKYVISAIPPTLGMKIHFNPPLPMMRNQMITRVPLGSVIKCIVYYKEPFWRKKDYCGTMIIDGE
EAPVAYTLDDTKPEGNYAAIMGFILAHKARKLARLTKEERLKKLCELYAKVLGSLEALEPVHYEEKNWCEEQYSGGCYTT
YFPPGILTQYGRVLRQPVDRIYFAGTETATHWSGYMEGAVEAGERAAREILHAMGKIPEDEIWQSEPESVDVPAQPITTT
FLERHLPSVPGLLRLIGLTTIFSATALGFLAHKRGLLVRV
;
_entity_poly.pdbx_strand_id   A,B
#
loop_
_chem_comp.id
_chem_comp.type
_chem_comp.name
_chem_comp.formula
3PL non-polymer 3-PHENYLPROPANAL 'C9 H10 O'
C15 non-polymer N-DODECYL-N,N-DIMETHYL-3-AMMONIO-1-PROPANESULFONATE 'C17 H38 N O3 S 1'
FA8 non-polymer '[[(2R,3S,4S)-5-[(4AS)-7,8-DIMETHYL-2,4-DIOXO-4A,5-DIHYDROBENZO[G]PTERIDIN-10-YL]-2,3,4-TRIHYDROXY-PENTOXY]-HYDROXY-PHOSPHORYL] [(2R,3S,4R,5R)-5-(6-AMINOPURIN-9-YL)-3,4-DIHYDROXY-OXOLAN-2-YL]METHYL HYDROGEN PHOSPHATE' 'C27 H35 N9 O15 P2'
XCG non-polymer 2-(2-BENZOFURANYL)-2-IMIDAZOLINE 'C11 H8 N2 O'
#
# COMPACT_ATOMS: atom_id res chain seq x y z
N ASN A 3 -9.98 -13.49 -31.36
CA ASN A 3 -11.06 -12.44 -31.52
C ASN A 3 -10.44 -11.07 -31.76
N LYS A 4 -10.70 -10.48 -32.93
CA LYS A 4 -10.04 -9.24 -33.35
C LYS A 4 -10.94 -8.03 -33.25
N CYS A 5 -10.39 -6.91 -32.78
CA CYS A 5 -11.16 -5.66 -32.65
C CYS A 5 -10.24 -4.42 -32.67
N ASP A 6 -10.82 -3.23 -32.58
CA ASP A 6 -10.03 -2.01 -32.52
C ASP A 6 -9.50 -1.79 -31.09
N VAL A 7 -10.39 -1.93 -30.10
CA VAL A 7 -10.04 -1.63 -28.67
C VAL A 7 -10.66 -2.66 -27.73
N VAL A 8 -9.82 -3.21 -26.86
CA VAL A 8 -10.29 -4.04 -25.75
C VAL A 8 -10.38 -3.10 -24.53
N VAL A 9 -11.53 -3.09 -23.88
CA VAL A 9 -11.70 -2.41 -22.57
C VAL A 9 -11.68 -3.45 -21.47
N VAL A 10 -10.74 -3.33 -20.54
CA VAL A 10 -10.67 -4.25 -19.40
C VAL A 10 -11.48 -3.65 -18.25
N GLY A 11 -12.60 -4.29 -17.93
CA GLY A 11 -13.48 -3.81 -16.86
C GLY A 11 -14.78 -3.21 -17.38
N GLY A 12 -15.89 -3.73 -16.89
CA GLY A 12 -17.25 -3.30 -17.24
C GLY A 12 -17.97 -2.61 -16.09
N GLY A 13 -17.24 -1.78 -15.33
CA GLY A 13 -17.90 -0.82 -14.42
C GLY A 13 -18.32 0.40 -15.24
N ILE A 14 -18.86 1.41 -14.57
CA ILE A 14 -19.22 2.65 -15.27
C ILE A 14 -18.13 3.22 -16.15
N SER A 15 -16.89 3.28 -15.66
CA SER A 15 -15.84 3.86 -16.47
C SER A 15 -15.57 3.11 -17.80
N GLY A 16 -15.41 1.78 -17.72
CA GLY A 16 -15.14 0.99 -18.92
C GLY A 16 -16.35 1.02 -19.84
N MET A 17 -17.55 0.97 -19.26
CA MET A 17 -18.78 1.05 -20.07
C MET A 17 -18.95 2.41 -20.78
N ALA A 18 -18.66 3.52 -20.09
CA ALA A 18 -18.65 4.86 -20.73
C ALA A 18 -17.59 4.95 -21.84
N ALA A 19 -16.42 4.36 -21.62
CA ALA A 19 -15.36 4.40 -22.65
C ALA A 19 -15.80 3.62 -23.90
N ALA A 20 -16.31 2.40 -23.67
CA ALA A 20 -16.73 1.52 -24.76
C ALA A 20 -17.88 2.13 -25.54
N LYS A 21 -18.80 2.77 -24.83
CA LYS A 21 -19.92 3.43 -25.53
C LYS A 21 -19.43 4.53 -26.46
N LEU A 22 -18.52 5.38 -25.95
CA LEU A 22 -18.00 6.48 -26.76
C LEU A 22 -17.31 5.94 -28.02
N LEU A 23 -16.42 4.97 -27.84
CA LEU A 23 -15.71 4.36 -28.97
C LEU A 23 -16.67 3.72 -30.01
N HIS A 24 -17.66 2.97 -29.51
CA HIS A 24 -18.70 2.30 -30.34
C HIS A 24 -19.47 3.35 -31.15
N ASP A 25 -19.89 4.43 -30.47
CA ASP A 25 -20.62 5.54 -31.13
C ASP A 25 -19.78 6.26 -32.19
N SER A 26 -18.45 6.22 -32.04
CA SER A 26 -17.52 6.81 -32.99
C SER A 26 -17.26 5.89 -34.19
N GLY A 27 -17.84 4.70 -34.18
CA GLY A 27 -17.68 3.75 -35.29
C GLY A 27 -16.58 2.71 -35.11
N LEU A 28 -15.97 2.61 -33.92
CA LEU A 28 -14.97 1.57 -33.69
C LEU A 28 -15.56 0.25 -33.17
N ASN A 29 -14.83 -0.84 -33.45
CA ASN A 29 -15.14 -2.20 -32.99
CA ASN A 29 -15.18 -2.17 -32.95
C ASN A 29 -14.55 -2.38 -31.59
N VAL A 30 -15.40 -2.44 -30.56
CA VAL A 30 -14.91 -2.61 -29.17
C VAL A 30 -15.35 -3.94 -28.56
N VAL A 31 -14.53 -4.44 -27.65
CA VAL A 31 -14.92 -5.54 -26.78
C VAL A 31 -14.69 -5.11 -25.31
N VAL A 32 -15.63 -5.46 -24.43
CA VAL A 32 -15.44 -5.27 -22.97
C VAL A 32 -15.22 -6.64 -22.28
N LEU A 33 -14.09 -6.82 -21.60
CA LEU A 33 -13.81 -8.05 -20.91
C LEU A 33 -14.07 -7.83 -19.41
N GLU A 34 -15.10 -8.48 -18.88
CA GLU A 34 -15.49 -8.26 -17.47
C GLU A 34 -15.30 -9.53 -16.66
N ALA A 35 -14.56 -9.40 -15.54
CA ALA A 35 -14.25 -10.52 -14.66
C ALA A 35 -15.48 -11.21 -14.06
N ARG A 36 -16.47 -10.43 -13.65
CA ARG A 36 -17.65 -10.95 -12.93
C ARG A 36 -18.73 -11.45 -13.90
N ASP A 37 -19.71 -12.14 -13.32
CA ASP A 37 -20.94 -12.49 -14.05
C ASP A 37 -21.97 -11.36 -14.21
N ARG A 38 -21.56 -10.11 -14.00
CA ARG A 38 -22.45 -8.94 -14.10
C ARG A 38 -21.57 -7.75 -14.46
N VAL A 39 -22.17 -6.68 -15.03
CA VAL A 39 -21.51 -5.40 -15.17
C VAL A 39 -21.85 -4.49 -13.95
N GLY A 40 -21.19 -3.35 -13.86
CA GLY A 40 -21.51 -2.35 -12.80
C GLY A 40 -20.41 -2.16 -11.75
N GLY A 41 -19.64 -3.22 -11.47
CA GLY A 41 -18.45 -3.17 -10.56
C GLY A 41 -18.78 -2.71 -9.12
N ARG A 42 -18.28 -1.53 -8.77
CA ARG A 42 -18.54 -0.92 -7.45
C ARG A 42 -19.96 -0.34 -7.33
N THR A 43 -20.72 -0.36 -8.43
CA THR A 43 -22.19 -0.19 -8.34
C THR A 43 -22.86 -1.58 -8.44
N TYR A 44 -23.90 -1.79 -7.64
CA TYR A 44 -24.64 -3.06 -7.64
C TYR A 44 -26.03 -2.81 -7.04
N THR A 45 -27.03 -3.01 -7.88
CA THR A 45 -28.44 -2.86 -7.51
C THR A 45 -29.04 -4.26 -7.34
N LEU A 46 -29.35 -4.63 -6.11
CA LEU A 46 -30.03 -5.87 -5.78
C LEU A 46 -31.53 -5.71 -6.02
N ARG A 47 -32.18 -6.72 -6.63
CA ARG A 47 -33.65 -6.70 -6.75
C ARG A 47 -34.22 -7.97 -6.13
N ASN A 48 -35.22 -7.79 -5.27
CA ASN A 48 -36.01 -8.88 -4.71
C ASN A 48 -37.37 -8.32 -4.25
N GLN A 49 -38.28 -9.21 -3.88
CA GLN A 49 -39.63 -8.77 -3.55
C GLN A 49 -39.73 -7.95 -2.27
N LYS A 50 -38.82 -8.20 -1.34
CA LYS A 50 -38.86 -7.50 -0.07
C LYS A 50 -38.39 -6.05 -0.16
N VAL A 51 -37.44 -5.75 -1.08
CA VAL A 51 -36.91 -4.38 -1.17
C VAL A 51 -37.32 -3.62 -2.45
N LYS A 52 -37.87 -4.37 -3.39
CA LYS A 52 -38.05 -3.97 -4.81
C LYS A 52 -36.70 -3.81 -5.53
N TYR A 53 -35.94 -2.77 -5.18
CA TYR A 53 -34.55 -2.63 -5.60
C TYR A 53 -33.79 -1.93 -4.49
N VAL A 54 -32.47 -2.10 -4.45
CA VAL A 54 -31.64 -1.35 -3.48
C VAL A 54 -30.20 -1.33 -3.95
N ASP A 55 -29.60 -0.14 -3.92
CA ASP A 55 -28.19 0.03 -4.22
C ASP A 55 -27.35 -0.46 -3.04
N LEU A 56 -26.52 -1.46 -3.28
CA LEU A 56 -25.57 -1.96 -2.28
C LEU A 56 -24.14 -1.41 -2.46
N GLY A 57 -23.86 -0.82 -3.63
CA GLY A 57 -22.59 -0.05 -3.85
C GLY A 57 -22.87 1.44 -4.04
N GLY A 58 -22.12 2.09 -4.94
CA GLY A 58 -22.30 3.55 -5.18
C GLY A 58 -23.76 3.85 -5.58
N SER A 59 -24.30 4.98 -5.10
CA SER A 59 -25.74 5.29 -5.27
CA SER A 59 -25.75 5.30 -5.21
C SER A 59 -26.06 6.79 -5.46
N TYR A 60 -25.39 7.66 -4.70
CA TYR A 60 -25.72 9.10 -4.68
C TYR A 60 -25.10 9.88 -5.84
N VAL A 61 -25.89 10.81 -6.36
CA VAL A 61 -25.40 11.82 -7.30
C VAL A 61 -25.89 13.19 -6.85
N GLY A 62 -25.23 14.25 -7.34
CA GLY A 62 -25.63 15.59 -6.92
C GLY A 62 -25.20 16.69 -7.89
N PRO A 63 -25.53 17.95 -7.56
CA PRO A 63 -25.09 19.07 -8.41
C PRO A 63 -23.57 19.14 -8.62
N THR A 64 -23.21 19.62 -9.80
CA THR A 64 -21.82 19.67 -10.32
C THR A 64 -21.32 18.34 -10.92
N GLN A 65 -22.08 17.25 -10.75
CA GLN A 65 -21.71 15.96 -11.35
C GLN A 65 -22.39 15.78 -12.70
N ASN A 66 -22.02 16.63 -13.66
CA ASN A 66 -22.82 16.79 -14.88
C ASN A 66 -22.68 15.64 -15.88
N ARG A 67 -21.53 14.96 -15.84
CA ARG A 67 -21.27 13.84 -16.79
C ARG A 67 -22.11 12.61 -16.47
N ILE A 68 -22.16 12.23 -15.20
CA ILE A 68 -23.01 11.08 -14.84
C ILE A 68 -24.49 11.42 -15.03
N LEU A 69 -24.88 12.68 -14.77
CA LEU A 69 -26.29 13.04 -14.93
C LEU A 69 -26.69 12.99 -16.44
N ARG A 70 -25.79 13.48 -17.30
CA ARG A 70 -26.00 13.47 -18.75
C ARG A 70 -26.04 12.02 -19.30
N LEU A 71 -25.06 11.20 -18.91
CA LEU A 71 -25.07 9.80 -19.34
C LEU A 71 -26.33 9.07 -18.91
N ALA A 72 -26.70 9.22 -17.64
CA ALA A 72 -27.88 8.55 -17.11
C ALA A 72 -29.17 9.04 -17.83
N LYS A 73 -29.24 10.36 -18.06
CA LYS A 73 -30.41 10.92 -18.75
C LYS A 73 -30.55 10.32 -20.16
N GLU A 74 -29.44 10.21 -20.88
CA GLU A 74 -29.44 9.73 -22.27
C GLU A 74 -29.90 8.26 -22.30
N LEU A 75 -29.57 7.52 -21.26
CA LEU A 75 -29.99 6.12 -21.10
C LEU A 75 -31.45 5.95 -20.65
N GLY A 76 -32.16 7.04 -20.41
CA GLY A 76 -33.59 6.96 -20.00
C GLY A 76 -33.83 6.92 -18.48
N LEU A 77 -32.84 7.26 -17.68
CA LEU A 77 -32.97 7.15 -16.22
C LEU A 77 -33.42 8.49 -15.60
N GLU A 78 -34.02 8.42 -14.43
CA GLU A 78 -34.46 9.60 -13.68
C GLU A 78 -33.86 9.57 -12.28
N THR A 79 -33.74 10.75 -11.65
CA THR A 79 -33.31 10.85 -10.24
C THR A 79 -34.45 11.25 -9.32
N TYR A 80 -34.26 11.05 -8.03
CA TYR A 80 -35.15 11.62 -7.03
C TYR A 80 -34.30 12.12 -5.84
N LYS A 81 -34.91 12.97 -5.02
CA LYS A 81 -34.17 13.62 -3.93
C LYS A 81 -34.22 12.81 -2.64
N VAL A 82 -33.05 12.63 -2.02
CA VAL A 82 -32.94 11.95 -0.74
C VAL A 82 -33.74 12.79 0.29
N ASN A 83 -34.43 12.14 1.24
CA ASN A 83 -35.24 12.92 2.19
C ASN A 83 -34.43 13.82 3.13
N GLU A 84 -34.66 15.14 3.08
CA GLU A 84 -34.05 16.06 4.05
C GLU A 84 -35.07 17.10 4.52
N VAL A 85 -36.33 16.69 4.56
CA VAL A 85 -37.41 17.61 4.96
C VAL A 85 -37.29 17.96 6.43
N GLU A 86 -37.09 16.93 7.27
CA GLU A 86 -37.07 17.13 8.74
C GLU A 86 -35.61 17.41 9.26
N ARG A 87 -35.39 17.34 10.58
CA ARG A 87 -34.11 17.75 11.15
C ARG A 87 -33.06 16.64 11.06
N LEU A 88 -31.79 17.05 10.95
CA LEU A 88 -30.65 16.11 11.04
C LEU A 88 -30.32 15.91 12.51
N ILE A 89 -29.54 14.88 12.82
CA ILE A 89 -29.12 14.61 14.22
C ILE A 89 -27.61 14.51 14.29
N HIS A 90 -27.00 15.19 15.26
CA HIS A 90 -25.59 14.94 15.60
C HIS A 90 -25.62 14.25 16.96
N HIS A 91 -25.12 13.01 17.05
CA HIS A 91 -25.11 12.25 18.32
C HIS A 91 -23.64 12.24 18.80
N VAL A 92 -23.40 12.87 19.95
CA VAL A 92 -22.02 12.97 20.48
C VAL A 92 -22.09 12.81 21.99
N LYS A 93 -21.10 12.09 22.53
CA LYS A 93 -21.06 11.74 23.96
C LYS A 93 -22.38 11.16 24.45
N GLY A 94 -22.99 10.26 23.68
CA GLY A 94 -24.12 9.52 24.21
C GLY A 94 -25.46 10.24 24.11
N LYS A 95 -25.49 11.45 23.52
CA LYS A 95 -26.73 12.26 23.42
C LYS A 95 -27.00 12.80 22.01
N SER A 96 -28.28 12.98 21.65
CA SER A 96 -28.62 13.48 20.31
C SER A 96 -29.01 14.98 20.29
N TYR A 97 -28.51 15.71 19.30
CA TYR A 97 -28.79 17.15 19.14
C TYR A 97 -29.28 17.43 17.73
N PRO A 98 -30.57 17.77 17.58
CA PRO A 98 -31.14 18.02 16.23
C PRO A 98 -30.62 19.33 15.66
N PHE A 99 -30.49 19.39 14.33
CA PHE A 99 -29.99 20.60 13.71
C PHE A 99 -30.36 20.65 12.22
N ARG A 100 -30.08 21.79 11.60
CA ARG A 100 -30.15 21.94 10.14
C ARG A 100 -28.91 22.68 9.63
N GLY A 101 -28.49 22.42 8.39
CA GLY A 101 -27.32 23.12 7.83
C GLY A 101 -26.20 22.14 7.53
N PRO A 102 -25.12 22.60 6.86
CA PRO A 102 -24.01 21.70 6.54
C PRO A 102 -23.29 21.14 7.75
N PHE A 103 -23.20 21.89 8.87
CA PHE A 103 -22.54 21.39 10.07
C PHE A 103 -23.35 21.71 11.34
N PRO A 104 -23.34 20.79 12.35
CA PRO A 104 -24.08 21.12 13.58
C PRO A 104 -23.62 22.46 14.19
N PRO A 105 -24.54 23.25 14.77
CA PRO A 105 -24.11 24.56 15.29
C PRO A 105 -23.24 24.41 16.56
N VAL A 106 -22.29 25.32 16.73
CA VAL A 106 -21.39 25.28 17.87
C VAL A 106 -21.58 26.58 18.64
N TRP A 107 -21.94 26.48 19.93
CA TRP A 107 -22.29 27.68 20.74
C TRP A 107 -21.14 28.31 21.54
N ASN A 108 -20.27 27.48 22.08
CA ASN A 108 -19.08 27.99 22.75
C ASN A 108 -18.23 28.87 21.80
N PRO A 109 -18.01 30.16 22.12
CA PRO A 109 -17.35 31.06 21.15
C PRO A 109 -15.93 30.62 20.77
N ILE A 110 -15.17 30.08 21.72
CA ILE A 110 -13.81 29.56 21.45
C ILE A 110 -13.84 28.33 20.54
N THR A 111 -14.72 27.38 20.87
CA THR A 111 -14.94 26.19 20.03
C THR A 111 -15.46 26.59 18.66
N TYR A 112 -16.33 27.61 18.61
CA TYR A 112 -16.82 28.09 17.33
C TYR A 112 -15.69 28.61 16.45
N LEU A 113 -14.77 29.40 17.02
CA LEU A 113 -13.60 29.84 16.25
C LEU A 113 -12.79 28.66 15.71
N ASP A 114 -12.61 27.65 16.54
CA ASP A 114 -11.77 26.52 16.14
C ASP A 114 -12.44 25.72 15.00
N HIS A 115 -13.73 25.43 15.13
CA HIS A 115 -14.49 24.70 14.08
C HIS A 115 -14.51 25.51 12.77
N ASN A 116 -14.86 26.80 12.88
CA ASN A 116 -14.90 27.66 11.68
C ASN A 116 -13.56 27.66 10.96
N ASN A 117 -12.48 27.79 11.74
CA ASN A 117 -11.14 27.83 11.18
C ASN A 117 -10.75 26.50 10.55
N PHE A 118 -11.18 25.40 11.15
CA PHE A 118 -10.82 24.09 10.59
C PHE A 118 -11.34 23.91 9.14
N TRP A 119 -12.66 24.05 8.91
CA TRP A 119 -13.23 23.86 7.56
C TRP A 119 -12.63 24.88 6.57
N ARG A 120 -12.50 26.13 7.04
CA ARG A 120 -11.98 27.21 6.24
C ARG A 120 -10.58 26.86 5.79
N THR A 121 -9.77 26.38 6.72
CA THR A 121 -8.37 26.06 6.44
C THR A 121 -8.24 24.84 5.48
N MET A 122 -9.10 23.83 5.64
CA MET A 122 -9.12 22.70 4.68
C MET A 122 -9.33 23.22 3.25
N ASP A 123 -10.31 24.11 3.09
CA ASP A 123 -10.57 24.66 1.77
C ASP A 123 -9.46 25.62 1.30
N ASP A 124 -8.90 26.43 2.21
CA ASP A 124 -7.77 27.32 1.84
C ASP A 124 -6.59 26.51 1.29
N MET A 125 -6.24 25.44 2.00
CA MET A 125 -5.15 24.57 1.55
C MET A 125 -5.52 23.96 0.23
N GLY A 126 -6.77 23.49 0.07
CA GLY A 126 -7.18 22.88 -1.22
C GLY A 126 -6.96 23.79 -2.43
N ARG A 127 -7.15 25.10 -2.24
CA ARG A 127 -7.01 26.05 -3.38
C ARG A 127 -5.56 26.16 -3.87
N GLU A 128 -4.61 25.62 -3.09
CA GLU A 128 -3.18 25.59 -3.49
C GLU A 128 -2.84 24.36 -4.36
N ILE A 129 -3.78 23.44 -4.45
CA ILE A 129 -3.53 22.12 -5.03
C ILE A 129 -4.19 21.99 -6.40
N PRO A 130 -3.39 21.93 -7.48
CA PRO A 130 -4.04 21.75 -8.79
C PRO A 130 -4.81 20.41 -8.92
N SER A 131 -6.04 20.47 -9.41
CA SER A 131 -6.88 19.24 -9.55
C SER A 131 -6.23 18.18 -10.45
N ASP A 132 -5.56 18.64 -11.50
CA ASP A 132 -4.94 17.72 -12.46
C ASP A 132 -3.50 17.35 -12.17
N ALA A 133 -2.96 17.85 -11.06
CA ALA A 133 -1.55 17.66 -10.74
C ALA A 133 -1.30 18.02 -9.26
N PRO A 134 -1.86 17.23 -8.32
CA PRO A 134 -1.72 17.68 -6.90
C PRO A 134 -0.28 17.74 -6.39
N TRP A 135 0.61 16.95 -7.00
CA TRP A 135 2.05 16.96 -6.68
C TRP A 135 2.75 18.29 -7.06
N LYS A 136 2.05 19.18 -7.78
CA LYS A 136 2.56 20.53 -8.10
C LYS A 136 2.19 21.60 -7.09
N ALA A 137 1.46 21.23 -6.03
CA ALA A 137 1.18 22.22 -4.96
C ALA A 137 2.53 22.76 -4.43
N PRO A 138 2.59 24.08 -4.05
CA PRO A 138 3.87 24.61 -3.57
C PRO A 138 4.48 23.85 -2.37
N LEU A 139 3.63 23.39 -1.43
CA LEU A 139 4.10 22.62 -0.27
C LEU A 139 3.75 21.12 -0.40
N ALA A 140 3.68 20.61 -1.63
CA ALA A 140 3.24 19.24 -1.87
C ALA A 140 4.01 18.24 -1.00
N GLU A 141 5.35 18.33 -0.99
CA GLU A 141 6.15 17.37 -0.22
C GLU A 141 5.85 17.41 1.28
N GLU A 142 5.88 18.62 1.86
CA GLU A 142 5.54 18.80 3.29
C GLU A 142 4.16 18.22 3.61
N TRP A 143 3.17 18.50 2.76
CA TRP A 143 1.81 18.01 3.06
C TRP A 143 1.68 16.50 2.84
N ASP A 144 2.41 15.99 1.85
CA ASP A 144 2.34 14.52 1.54
C ASP A 144 3.10 13.68 2.56
N ASN A 145 4.06 14.29 3.27
CA ASN A 145 4.85 13.53 4.23
C ASN A 145 4.24 13.44 5.64
N MET A 146 3.01 13.94 5.79
CA MET A 146 2.28 13.82 7.05
C MET A 146 0.93 13.16 6.78
N THR A 147 0.38 12.50 7.79
CA THR A 147 -0.96 11.89 7.69
C THR A 147 -2.02 12.95 7.99
N MET A 148 -3.26 12.65 7.66
CA MET A 148 -4.35 13.50 8.11
C MET A 148 -4.41 13.60 9.63
N LYS A 149 -4.03 12.55 10.35
CA LYS A 149 -4.05 12.64 11.83
C LYS A 149 -3.11 13.73 12.36
N GLU A 150 -1.90 13.75 11.81
CA GLU A 150 -0.92 14.79 12.16
C GLU A 150 -1.42 16.18 11.83
N LEU A 151 -2.08 16.34 10.67
CA LEU A 151 -2.68 17.64 10.32
C LEU A 151 -3.78 18.09 11.28
N LEU A 152 -4.67 17.18 11.67
CA LEU A 152 -5.71 17.50 12.67
C LEU A 152 -5.11 17.88 14.01
N ASP A 153 -4.08 17.13 14.43
CA ASP A 153 -3.35 17.47 15.67
C ASP A 153 -2.81 18.90 15.65
N LYS A 154 -2.31 19.33 14.50
CA LYS A 154 -1.77 20.69 14.37
C LYS A 154 -2.87 21.75 14.29
N LEU A 155 -3.97 21.46 13.59
CA LEU A 155 -4.98 22.51 13.33
C LEU A 155 -6.02 22.68 14.41
N CYS A 156 -6.37 21.60 15.09
CA CYS A 156 -7.56 21.64 15.95
C CYS A 156 -7.16 21.95 17.38
N TRP A 157 -7.59 23.11 17.87
CA TRP A 157 -7.24 23.49 19.25
C TRP A 157 -8.32 23.04 20.24
N THR A 158 -9.38 22.41 19.73
CA THR A 158 -10.38 21.77 20.60
C THR A 158 -10.56 20.30 20.24
N GLU A 159 -10.90 19.47 21.24
CA GLU A 159 -11.17 18.05 20.97
C GLU A 159 -12.46 17.87 20.17
N SER A 160 -13.43 18.76 20.40
CA SER A 160 -14.68 18.82 19.67
C SER A 160 -14.44 18.90 18.13
N ALA A 161 -13.55 19.80 17.72
CA ALA A 161 -13.25 19.96 16.29
C ALA A 161 -12.50 18.72 15.76
N LYS A 162 -11.51 18.23 16.52
CA LYS A 162 -10.78 17.03 16.11
C LYS A 162 -11.69 15.81 15.96
N GLN A 163 -12.66 15.64 16.87
CA GLN A 163 -13.56 14.49 16.80
C GLN A 163 -14.43 14.55 15.53
N LEU A 164 -14.98 15.73 15.26
CA LEU A 164 -15.85 15.92 14.07
C LEU A 164 -15.07 15.76 12.77
N ALA A 165 -13.86 16.33 12.73
CA ALA A 165 -12.98 16.19 11.54
C ALA A 165 -12.62 14.73 11.29
N THR A 166 -12.42 13.97 12.38
CA THR A 166 -12.16 12.54 12.26
C THR A 166 -13.34 11.79 11.61
N LEU A 167 -14.57 12.07 12.07
CA LEU A 167 -15.74 11.48 11.41
C LEU A 167 -15.79 11.85 9.92
N PHE A 168 -15.54 13.12 9.64
CA PHE A 168 -15.48 13.63 8.25
C PHE A 168 -14.52 12.82 7.35
N VAL A 169 -13.29 12.63 7.80
CA VAL A 169 -12.32 11.86 7.02
C VAL A 169 -12.81 10.41 6.84
N ASN A 170 -13.23 9.77 7.94
CA ASN A 170 -13.67 8.37 7.86
C ASN A 170 -14.83 8.19 6.86
N LEU A 171 -15.81 9.09 6.88
CA LEU A 171 -16.96 9.01 5.98
C LEU A 171 -16.60 9.32 4.50
N CYS A 172 -15.74 10.32 4.27
CA CYS A 172 -15.36 10.70 2.90
C CYS A 172 -14.52 9.65 2.18
N VAL A 173 -13.60 8.97 2.90
CA VAL A 173 -12.65 8.06 2.20
C VAL A 173 -12.51 6.64 2.82
N THR A 174 -13.43 6.29 3.74
CA THR A 174 -13.49 4.93 4.34
C THR A 174 -12.11 4.44 4.83
N ALA A 175 -11.36 5.38 5.42
CA ALA A 175 -10.05 5.09 5.95
C ALA A 175 -9.81 5.93 7.19
N GLU A 176 -8.80 5.53 7.97
CA GLU A 176 -8.50 6.21 9.24
C GLU A 176 -7.65 7.45 8.96
N THR A 177 -7.69 8.42 9.88
CA THR A 177 -6.93 9.66 9.67
C THR A 177 -5.43 9.38 9.60
N HIS A 178 -4.96 8.39 10.38
CA HIS A 178 -3.52 8.01 10.40
C HIS A 178 -3.10 7.17 9.19
N GLU A 179 -4.06 6.66 8.41
CA GLU A 179 -3.73 5.82 7.22
C GLU A 179 -3.41 6.64 5.97
N VAL A 180 -3.97 7.85 5.90
CA VAL A 180 -3.96 8.61 4.63
C VAL A 180 -3.05 9.85 4.60
N SER A 181 -2.43 10.11 3.45
CA SER A 181 -1.67 11.37 3.23
C SER A 181 -2.55 12.62 3.39
N ALA A 182 -2.04 13.66 4.09
CA ALA A 182 -2.75 14.94 4.16
C ALA A 182 -2.87 15.59 2.77
N LEU A 183 -1.79 15.62 1.99
CA LEU A 183 -1.88 16.17 0.60
C LEU A 183 -2.96 15.47 -0.21
N TRP A 184 -2.96 14.13 -0.19
CA TRP A 184 -3.98 13.39 -0.98
C TRP A 184 -5.41 13.71 -0.47
N PHE A 185 -5.60 13.72 0.84
CA PHE A 185 -6.98 13.93 1.32
C PHE A 185 -7.46 15.36 0.97
N LEU A 186 -6.58 16.34 1.15
CA LEU A 186 -6.90 17.75 0.78
C LEU A 186 -7.20 17.89 -0.71
N TRP A 187 -6.46 17.19 -1.56
CA TRP A 187 -6.80 17.11 -3.01
C TRP A 187 -8.18 16.50 -3.21
N TYR A 188 -8.43 15.35 -2.55
CA TYR A 188 -9.68 14.61 -2.78
C TYR A 188 -10.91 15.53 -2.49
N VAL A 189 -10.87 16.25 -1.38
CA VAL A 189 -11.95 17.16 -1.00
C VAL A 189 -12.06 18.33 -1.99
N LYS A 190 -10.92 18.94 -2.33
CA LYS A 190 -10.94 20.11 -3.25
C LYS A 190 -11.52 19.73 -4.63
N GLN A 191 -11.16 18.54 -5.11
CA GLN A 191 -11.60 18.13 -6.47
C GLN A 191 -13.06 17.66 -6.49
N CYS A 192 -13.69 17.59 -5.31
CA CYS A 192 -15.16 17.46 -5.20
C CYS A 192 -15.86 18.81 -4.91
N GLY A 193 -15.14 19.94 -5.04
CA GLY A 193 -15.80 21.24 -4.81
C GLY A 193 -15.71 21.79 -3.38
N GLY A 194 -14.99 21.07 -2.50
CA GLY A 194 -14.74 21.59 -1.15
C GLY A 194 -15.56 20.93 -0.03
N THR A 195 -15.31 21.37 1.20
CA THR A 195 -15.88 20.71 2.39
C THR A 195 -17.41 20.73 2.41
N THR A 196 -18.05 21.88 2.12
CA THR A 196 -19.51 21.92 2.14
C THR A 196 -20.13 21.03 1.06
N ARG A 197 -19.63 21.15 -0.17
CA ARG A 197 -20.17 20.42 -1.29
C ARG A 197 -20.05 18.90 -1.09
N ILE A 198 -18.90 18.43 -0.58
CA ILE A 198 -18.72 16.97 -0.48
C ILE A 198 -19.64 16.32 0.58
N ILE A 199 -19.95 17.07 1.62
CA ILE A 199 -20.64 16.52 2.76
C ILE A 199 -22.16 16.80 2.76
N SER A 200 -22.63 17.70 1.90
CA SER A 200 -24.05 18.09 1.93
C SER A 200 -24.98 17.11 1.24
N THR A 201 -26.24 17.11 1.70
CA THR A 201 -27.31 16.40 1.01
C THR A 201 -27.93 17.41 -0.02
N THR A 202 -28.80 18.29 0.45
CA THR A 202 -29.27 19.42 -0.39
C THR A 202 -28.04 20.22 -0.89
N ASN A 203 -27.94 20.43 -2.20
CA ASN A 203 -26.79 21.12 -2.84
C ASN A 203 -25.41 20.43 -2.74
N GLY A 204 -25.37 19.15 -2.43
CA GLY A 204 -24.10 18.43 -2.31
C GLY A 204 -24.12 17.04 -2.91
N GLY A 205 -23.05 16.27 -2.63
CA GLY A 205 -22.88 14.92 -3.19
C GLY A 205 -23.93 13.89 -2.84
N GLN A 206 -24.67 14.11 -1.74
CA GLN A 206 -25.70 13.15 -1.28
C GLN A 206 -27.14 13.52 -1.73
N GLU A 207 -27.31 14.46 -2.67
CA GLU A 207 -28.66 15.01 -2.92
C GLU A 207 -29.68 14.02 -3.46
N ARG A 208 -29.24 13.18 -4.40
CA ARG A 208 -30.13 12.34 -5.20
C ARG A 208 -29.67 10.89 -5.36
N LYS A 209 -30.61 10.05 -5.80
CA LYS A 209 -30.35 8.69 -6.23
C LYS A 209 -31.13 8.45 -7.53
N PHE A 210 -30.72 7.41 -8.24
CA PHE A 210 -31.47 7.02 -9.46
C PHE A 210 -32.69 6.17 -9.12
N VAL A 211 -33.81 6.50 -9.77
CA VAL A 211 -35.01 5.68 -9.63
C VAL A 211 -34.68 4.34 -10.25
N GLY A 212 -34.83 3.26 -9.48
CA GLY A 212 -34.54 1.93 -9.98
C GLY A 212 -33.13 1.41 -9.73
N GLY A 213 -32.23 2.29 -9.28
CA GLY A 213 -30.85 1.89 -8.93
C GLY A 213 -29.79 2.32 -9.93
N SER A 214 -28.57 2.56 -9.44
CA SER A 214 -27.47 3.02 -10.29
C SER A 214 -26.88 1.91 -11.18
N GLY A 215 -27.13 0.64 -10.82
CA GLY A 215 -26.65 -0.47 -11.66
C GLY A 215 -27.23 -0.43 -13.08
N GLN A 216 -28.37 0.23 -13.24
CA GLN A 216 -28.95 0.42 -14.59
C GLN A 216 -28.04 1.17 -15.56
N VAL A 217 -27.15 2.02 -15.05
CA VAL A 217 -26.28 2.77 -15.96
C VAL A 217 -25.44 1.74 -16.76
N SER A 218 -24.74 0.88 -16.03
CA SER A 218 -23.91 -0.14 -16.68
C SER A 218 -24.73 -1.17 -17.47
N GLU A 219 -25.86 -1.59 -16.91
CA GLU A 219 -26.73 -2.57 -17.57
C GLU A 219 -27.27 -2.04 -18.91
N ARG A 220 -27.71 -0.78 -18.94
CA ARG A 220 -28.28 -0.23 -20.17
C ARG A 220 -27.23 -0.02 -21.25
N ILE A 221 -26.00 0.31 -20.83
CA ILE A 221 -24.93 0.35 -21.84
C ILE A 221 -24.62 -1.05 -22.38
N MET A 222 -24.61 -2.06 -21.51
CA MET A 222 -24.43 -3.45 -21.98
C MET A 222 -25.53 -3.80 -23.03
N ASP A 223 -26.77 -3.37 -22.77
CA ASP A 223 -27.86 -3.61 -23.73
C ASP A 223 -27.56 -2.97 -25.09
N LEU A 224 -27.04 -1.74 -25.11
CA LEU A 224 -26.66 -1.07 -26.37
C LEU A 224 -25.53 -1.79 -27.11
N LEU A 225 -24.61 -2.40 -26.35
CA LEU A 225 -23.40 -3.01 -26.94
C LEU A 225 -23.58 -4.46 -27.39
N GLY A 226 -24.67 -5.10 -26.93
CA GLY A 226 -24.98 -6.50 -27.25
C GLY A 226 -23.89 -7.46 -26.80
N ASP A 227 -23.52 -8.39 -27.68
CA ASP A 227 -22.59 -9.43 -27.31
C ASP A 227 -21.12 -8.97 -27.30
N ARG A 228 -20.88 -7.67 -27.46
CA ARG A 228 -19.52 -7.11 -27.34
C ARG A 228 -18.99 -7.15 -25.88
N VAL A 229 -19.92 -7.26 -24.92
CA VAL A 229 -19.56 -7.42 -23.51
C VAL A 229 -19.41 -8.91 -23.18
N LYS A 230 -18.21 -9.30 -22.74
CA LYS A 230 -17.93 -10.69 -22.42
C LYS A 230 -17.82 -10.83 -20.89
N LEU A 231 -18.82 -11.47 -20.28
CA LEU A 231 -18.84 -11.69 -18.82
C LEU A 231 -18.06 -12.96 -18.45
N GLU A 232 -17.57 -12.98 -17.21
CA GLU A 232 -16.71 -14.04 -16.68
C GLU A 232 -15.45 -14.23 -17.55
N ARG A 233 -14.87 -13.09 -17.96
CA ARG A 233 -13.58 -13.02 -18.65
C ARG A 233 -12.57 -12.19 -17.84
N PRO A 234 -12.08 -12.73 -16.70
CA PRO A 234 -11.02 -12.01 -15.99
C PRO A 234 -9.75 -12.00 -16.87
N VAL A 235 -9.17 -10.81 -17.07
CA VAL A 235 -7.95 -10.68 -17.86
C VAL A 235 -6.74 -11.06 -17.00
N ILE A 236 -5.89 -11.93 -17.56
CA ILE A 236 -4.70 -12.41 -16.85
C ILE A 236 -3.35 -11.96 -17.45
N TYR A 237 -3.35 -11.45 -18.68
CA TYR A 237 -2.08 -11.30 -19.42
C TYR A 237 -2.28 -10.34 -20.60
N ILE A 238 -1.35 -9.39 -20.71
CA ILE A 238 -1.34 -8.41 -21.82
C ILE A 238 0.06 -8.40 -22.43
N ASP A 239 0.13 -8.58 -23.75
CA ASP A 239 1.42 -8.73 -24.42
C ASP A 239 1.46 -7.67 -25.53
N GLN A 240 2.43 -6.77 -25.41
CA GLN A 240 2.59 -5.64 -26.33
C GLN A 240 3.87 -5.79 -27.18
N THR A 241 4.41 -7.01 -27.26
CA THR A 241 5.69 -7.20 -27.99
C THR A 241 5.50 -7.26 -29.52
N ARG A 242 4.25 -7.39 -29.97
CA ARG A 242 3.98 -7.55 -31.40
C ARG A 242 3.19 -6.39 -31.95
N GLU A 243 2.89 -6.48 -33.24
CA GLU A 243 2.18 -5.43 -33.94
C GLU A 243 0.81 -5.07 -33.34
N ASN A 244 -0.01 -6.07 -33.05
CA ASN A 244 -1.27 -5.88 -32.33
C ASN A 244 -1.12 -6.34 -30.87
N VAL A 245 -1.80 -5.64 -29.97
CA VAL A 245 -1.83 -6.06 -28.54
C VAL A 245 -2.63 -7.36 -28.36
N LEU A 246 -2.09 -8.28 -27.55
CA LEU A 246 -2.75 -9.54 -27.24
C LEU A 246 -3.25 -9.50 -25.78
N VAL A 247 -4.53 -9.77 -25.56
CA VAL A 247 -5.12 -9.79 -24.21
C VAL A 247 -5.70 -11.18 -23.98
N GLU A 248 -5.18 -11.86 -22.97
CA GLU A 248 -5.67 -13.18 -22.59
C GLU A 248 -6.51 -13.17 -21.33
N THR A 249 -7.55 -14.03 -21.32
CA THR A 249 -8.43 -14.18 -20.18
C THR A 249 -8.23 -15.51 -19.46
N LEU A 250 -8.74 -15.59 -18.23
CA LEU A 250 -8.59 -16.77 -17.39
C LEU A 250 -9.24 -18.03 -17.97
N ASN A 251 -10.36 -17.86 -18.65
CA ASN A 251 -11.15 -18.97 -19.20
C ASN A 251 -10.65 -19.33 -20.58
N HIS A 252 -9.38 -18.98 -20.83
CA HIS A 252 -8.66 -19.45 -21.99
C HIS A 252 -9.19 -18.89 -23.33
N GLU A 253 -9.32 -17.57 -23.44
CA GLU A 253 -9.62 -16.90 -24.71
C GLU A 253 -8.55 -15.84 -25.01
N MET A 254 -8.33 -15.59 -26.28
CA MET A 254 -7.39 -14.54 -26.72
C MET A 254 -8.05 -13.44 -27.53
N TYR A 255 -7.81 -12.19 -27.16
CA TYR A 255 -8.28 -11.05 -27.92
C TYR A 255 -7.12 -10.27 -28.50
N GLU A 256 -7.31 -9.76 -29.71
CA GLU A 256 -6.28 -8.98 -30.40
C GLU A 256 -6.80 -7.57 -30.74
N ALA A 257 -6.07 -6.54 -30.36
CA ALA A 257 -6.56 -5.17 -30.54
C ALA A 257 -5.46 -4.20 -30.94
N LYS A 258 -5.84 -3.02 -31.43
CA LYS A 258 -4.90 -1.93 -31.69
C LYS A 258 -4.47 -1.24 -30.37
N TYR A 259 -5.45 -1.07 -29.48
CA TYR A 259 -5.22 -0.40 -28.18
C TYR A 259 -6.00 -1.07 -27.06
N VAL A 260 -5.60 -0.79 -25.82
CA VAL A 260 -6.32 -1.32 -24.65
C VAL A 260 -6.64 -0.15 -23.70
N ILE A 261 -7.84 -0.16 -23.10
CA ILE A 261 -8.12 0.72 -21.94
C ILE A 261 -8.21 -0.15 -20.68
N SER A 262 -7.40 0.17 -19.67
CA SER A 262 -7.48 -0.50 -18.37
C SER A 262 -8.50 0.34 -17.55
N ALA A 263 -9.69 -0.20 -17.29
CA ALA A 263 -10.71 0.54 -16.54
C ALA A 263 -11.00 -0.11 -15.16
N ILE A 264 -9.94 -0.57 -14.50
CA ILE A 264 -10.02 -1.30 -13.22
C ILE A 264 -9.31 -0.47 -12.13
N PRO A 265 -9.61 -0.72 -10.83
CA PRO A 265 -8.89 0.04 -9.79
C PRO A 265 -7.38 -0.13 -10.01
N PRO A 266 -6.55 0.92 -9.75
CA PRO A 266 -5.12 0.81 -10.08
C PRO A 266 -4.42 -0.39 -9.53
N THR A 267 -4.59 -0.70 -8.24
CA THR A 267 -3.94 -1.89 -7.68
C THR A 267 -4.38 -3.22 -8.32
N LEU A 268 -5.61 -3.33 -8.84
CA LEU A 268 -6.04 -4.58 -9.51
C LEU A 268 -5.29 -4.86 -10.83
N GLY A 269 -4.53 -3.86 -11.29
CA GLY A 269 -3.52 -4.09 -12.35
C GLY A 269 -2.52 -5.21 -11.99
N MET A 270 -2.32 -5.48 -10.68
CA MET A 270 -1.41 -6.53 -10.26
CA MET A 270 -1.43 -6.54 -10.24
C MET A 270 -1.90 -7.93 -10.70
N LYS A 271 -3.20 -8.06 -10.98
CA LYS A 271 -3.76 -9.38 -11.32
C LYS A 271 -3.41 -9.77 -12.77
N ILE A 272 -2.77 -8.84 -13.48
CA ILE A 272 -2.40 -9.03 -14.89
C ILE A 272 -0.87 -9.17 -14.98
N HIS A 273 -0.42 -10.17 -15.74
CA HIS A 273 1.01 -10.39 -15.97
C HIS A 273 1.33 -9.65 -17.28
N PHE A 274 2.37 -8.81 -17.27
CA PHE A 274 2.64 -7.92 -18.44
C PHE A 274 3.88 -8.36 -19.18
N ASN A 275 3.83 -8.28 -20.51
CA ASN A 275 4.95 -8.57 -21.39
C ASN A 275 4.98 -7.46 -22.45
N PRO A 276 6.06 -6.66 -22.50
CA PRO A 276 7.20 -6.65 -21.59
C PRO A 276 6.76 -6.17 -20.18
N PRO A 277 7.65 -6.25 -19.20
CA PRO A 277 7.25 -5.81 -17.83
C PRO A 277 6.85 -4.33 -17.84
N LEU A 278 6.00 -3.92 -16.91
CA LEU A 278 5.66 -2.48 -16.82
C LEU A 278 6.91 -1.67 -16.51
N PRO A 279 6.95 -0.38 -16.90
CA PRO A 279 8.05 0.50 -16.44
C PRO A 279 8.11 0.50 -14.90
N MET A 280 9.30 0.74 -14.34
CA MET A 280 9.47 0.64 -12.88
CA MET A 280 9.47 0.62 -12.90
C MET A 280 8.50 1.48 -12.05
N MET A 281 8.20 2.71 -12.48
CA MET A 281 7.35 3.57 -11.64
C MET A 281 5.93 3.01 -11.53
N ARG A 282 5.36 2.55 -12.65
CA ARG A 282 4.05 1.92 -12.53
C ARG A 282 4.10 0.55 -11.80
N ASN A 283 5.17 -0.23 -12.05
CA ASN A 283 5.32 -1.54 -11.40
C ASN A 283 5.20 -1.37 -9.85
N GLN A 284 5.90 -0.38 -9.28
CA GLN A 284 5.82 -0.14 -7.84
C GLN A 284 4.53 0.59 -7.43
N MET A 285 4.06 1.53 -8.24
CA MET A 285 2.86 2.32 -7.89
C MET A 285 1.65 1.40 -7.57
N ILE A 286 1.47 0.33 -8.34
CA ILE A 286 0.27 -0.51 -8.22
C ILE A 286 0.27 -1.44 -6.99
N THR A 287 1.38 -1.40 -6.22
CA THR A 287 1.51 -2.07 -4.89
C THR A 287 1.37 -1.09 -3.71
N ARG A 288 1.14 0.20 -4.00
CA ARG A 288 1.18 1.28 -3.00
C ARG A 288 -0.17 2.00 -2.76
N VAL A 289 -1.23 1.48 -3.38
CA VAL A 289 -2.52 2.21 -3.54
C VAL A 289 -3.73 1.33 -3.17
N PRO A 290 -3.95 1.14 -1.86
CA PRO A 290 -5.06 0.29 -1.39
C PRO A 290 -6.39 1.00 -1.51
N LEU A 291 -7.49 0.24 -1.48
CA LEU A 291 -8.83 0.86 -1.38
C LEU A 291 -9.33 0.79 0.06
N GLY A 292 -10.31 1.63 0.39
CA GLY A 292 -10.80 1.68 1.76
C GLY A 292 -11.72 0.52 2.14
N SER A 293 -12.28 0.59 3.34
CA SER A 293 -13.02 -0.53 3.90
C SER A 293 -14.41 -0.04 4.36
N VAL A 294 -15.46 -0.72 3.91
CA VAL A 294 -16.82 -0.30 4.28
C VAL A 294 -17.82 -1.46 4.18
N ILE A 295 -18.81 -1.48 5.09
CA ILE A 295 -19.99 -2.36 4.89
C ILE A 295 -21.18 -1.43 4.75
N LYS A 296 -21.94 -1.57 3.67
CA LYS A 296 -23.13 -0.75 3.47
C LYS A 296 -24.33 -1.54 3.94
N CYS A 297 -25.13 -0.96 4.87
CA CYS A 297 -26.18 -1.72 5.56
C CYS A 297 -27.51 -1.01 5.47
N ILE A 298 -28.57 -1.74 5.09
CA ILE A 298 -29.89 -1.11 4.97
C ILE A 298 -30.91 -1.89 5.85
N VAL A 299 -31.47 -1.19 6.83
CA VAL A 299 -32.49 -1.74 7.72
C VAL A 299 -33.88 -1.22 7.33
N TYR A 300 -34.79 -2.16 7.09
CA TYR A 300 -36.15 -1.89 6.61
C TYR A 300 -37.14 -1.89 7.76
N TYR A 301 -38.11 -0.95 7.69
CA TYR A 301 -39.17 -0.80 8.70
C TYR A 301 -40.56 -0.71 8.08
N LYS A 302 -41.61 -0.94 8.87
CA LYS A 302 -43.01 -0.83 8.38
C LYS A 302 -43.33 0.58 7.86
N GLU A 303 -42.81 1.62 8.55
CA GLU A 303 -43.04 3.04 8.22
C GLU A 303 -41.78 3.88 8.51
N PRO A 304 -41.67 5.07 7.89
CA PRO A 304 -40.54 5.93 8.17
C PRO A 304 -40.86 6.71 9.46
N PHE A 305 -40.84 5.97 10.58
CA PHE A 305 -41.33 6.47 11.85
C PHE A 305 -40.55 7.69 12.36
N TRP A 306 -39.30 7.81 11.95
CA TRP A 306 -38.45 8.93 12.40
C TRP A 306 -39.01 10.28 11.93
N ARG A 307 -39.65 10.28 10.75
CA ARG A 307 -40.23 11.53 10.22
C ARG A 307 -41.29 12.10 11.16
N LYS A 308 -42.03 11.23 11.85
CA LYS A 308 -43.09 11.69 12.79
C LYS A 308 -42.53 12.42 14.02
N LYS A 309 -41.24 12.19 14.31
CA LYS A 309 -40.54 12.86 15.40
C LYS A 309 -39.72 14.04 14.90
N ASP A 310 -39.96 14.41 13.64
CA ASP A 310 -39.29 15.54 12.99
C ASP A 310 -37.79 15.29 12.81
N TYR A 311 -37.43 14.03 12.49
CA TYR A 311 -36.05 13.66 12.08
C TYR A 311 -36.09 13.21 10.62
N CYS A 312 -35.18 13.70 9.77
CA CYS A 312 -35.22 13.25 8.37
C CYS A 312 -34.62 11.87 8.17
N GLY A 313 -33.81 11.39 9.12
CA GLY A 313 -33.15 10.06 8.97
C GLY A 313 -31.61 10.18 8.88
N THR A 314 -31.12 11.40 8.68
CA THR A 314 -29.67 11.67 8.69
C THR A 314 -29.12 11.73 10.12
N MET A 315 -28.07 10.94 10.40
CA MET A 315 -27.48 10.87 11.74
C MET A 315 -25.98 10.89 11.55
N ILE A 316 -25.31 11.80 12.27
CA ILE A 316 -23.84 11.83 12.38
C ILE A 316 -23.56 11.32 13.79
N ILE A 317 -22.97 10.13 13.87
CA ILE A 317 -22.87 9.39 15.15
C ILE A 317 -21.41 9.19 15.55
N ASP A 318 -20.99 9.89 16.61
CA ASP A 318 -19.64 9.80 17.13
C ASP A 318 -19.52 8.69 18.18
N GLY A 319 -18.30 8.28 18.50
CA GLY A 319 -18.08 7.28 19.55
C GLY A 319 -17.65 5.93 18.99
N GLU A 320 -16.65 5.35 19.64
CA GLU A 320 -16.15 4.01 19.27
C GLU A 320 -17.21 2.91 19.30
N GLU A 321 -18.16 2.98 20.24
CA GLU A 321 -19.09 1.87 20.44
C GLU A 321 -20.14 1.80 19.32
N ALA A 322 -20.39 2.92 18.64
CA ALA A 322 -21.35 2.92 17.55
C ALA A 322 -20.81 2.17 16.29
N PRO A 323 -21.51 1.13 15.86
CA PRO A 323 -21.03 0.41 14.68
C PRO A 323 -21.10 1.24 13.39
N VAL A 324 -22.12 2.10 13.30
CA VAL A 324 -22.40 2.96 12.13
C VAL A 324 -22.20 4.42 12.54
N ALA A 325 -21.40 5.18 11.78
CA ALA A 325 -21.17 6.59 12.11
C ALA A 325 -21.98 7.56 11.23
N TYR A 326 -22.61 7.06 10.18
CA TYR A 326 -23.43 7.95 9.31
C TYR A 326 -24.60 7.19 8.68
N THR A 327 -25.79 7.83 8.68
CA THR A 327 -26.97 7.25 8.06
C THR A 327 -27.70 8.29 7.20
N LEU A 328 -28.51 7.79 6.25
CA LEU A 328 -29.48 8.59 5.47
C LEU A 328 -30.79 7.79 5.38
N ASP A 329 -31.90 8.51 5.29
CA ASP A 329 -33.18 7.90 4.93
C ASP A 329 -33.07 7.22 3.56
N ASP A 330 -33.43 5.94 3.46
CA ASP A 330 -33.39 5.20 2.15
C ASP A 330 -34.81 4.74 1.66
N THR A 331 -35.85 5.33 2.25
CA THR A 331 -37.24 5.10 1.81
C THR A 331 -37.42 5.41 0.30
N LYS A 332 -38.24 4.60 -0.39
CA LYS A 332 -38.52 4.88 -1.83
C LYS A 332 -39.18 6.27 -2.00
N PRO A 333 -39.03 6.91 -3.19
CA PRO A 333 -39.67 8.22 -3.35
C PRO A 333 -41.21 8.15 -3.23
N GLU A 334 -41.80 6.98 -3.49
CA GLU A 334 -43.27 6.78 -3.34
C GLU A 334 -43.67 6.78 -1.85
N GLY A 335 -42.70 6.60 -0.95
CA GLY A 335 -42.95 6.70 0.50
C GLY A 335 -43.07 5.32 1.12
N ASN A 336 -42.90 4.27 0.31
CA ASN A 336 -42.93 2.90 0.83
C ASN A 336 -41.53 2.25 0.93
N TYR A 337 -41.47 1.00 1.40
CA TYR A 337 -40.21 0.29 1.71
C TYR A 337 -39.33 1.19 2.61
N ALA A 338 -39.94 1.76 3.64
CA ALA A 338 -39.22 2.61 4.63
C ALA A 338 -37.90 1.95 5.02
N ALA A 339 -36.82 2.72 5.13
CA ALA A 339 -35.50 2.12 5.40
C ALA A 339 -34.50 3.18 5.86
N ILE A 340 -33.51 2.72 6.62
CA ILE A 340 -32.36 3.56 6.99
C ILE A 340 -31.11 2.90 6.40
N MET A 341 -30.33 3.67 5.63
CA MET A 341 -29.01 3.23 5.12
C MET A 341 -27.93 3.73 6.08
N GLY A 342 -26.98 2.85 6.44
CA GLY A 342 -25.89 3.24 7.34
C GLY A 342 -24.58 2.66 6.81
N PHE A 343 -23.47 3.36 7.03
CA PHE A 343 -22.15 2.84 6.67
C PHE A 343 -21.41 2.36 7.91
N ILE A 344 -20.83 1.14 7.84
CA ILE A 344 -19.84 0.72 8.84
C ILE A 344 -18.46 1.02 8.26
N LEU A 345 -17.68 1.91 8.90
CA LEU A 345 -16.50 2.54 8.24
C LEU A 345 -15.14 2.08 8.74
N ALA A 346 -14.20 1.93 7.81
CA ALA A 346 -12.75 1.82 8.10
C ALA A 346 -12.48 0.71 9.09
N HIS A 347 -11.82 0.96 10.23
CA HIS A 347 -11.54 -0.21 11.13
C HIS A 347 -12.78 -1.01 11.61
N LYS A 348 -13.94 -0.36 11.70
CA LYS A 348 -15.15 -1.06 12.16
C LYS A 348 -15.65 -2.08 11.15
N ALA A 349 -15.39 -1.83 9.86
CA ALA A 349 -15.73 -2.80 8.84
C ALA A 349 -14.90 -4.08 9.03
N ARG A 350 -13.64 -3.94 9.42
CA ARG A 350 -12.79 -5.11 9.73
C ARG A 350 -13.25 -5.78 11.02
N LYS A 351 -13.43 -4.96 12.06
CA LYS A 351 -13.76 -5.45 13.43
C LYS A 351 -15.11 -6.21 13.43
N LEU A 352 -16.11 -5.64 12.79
CA LEU A 352 -17.47 -6.18 12.86
C LEU A 352 -17.82 -7.25 11.78
N ALA A 353 -16.91 -7.44 10.84
CA ALA A 353 -17.07 -8.48 9.81
C ALA A 353 -17.09 -9.89 10.43
N ARG A 354 -16.53 -10.03 11.64
CA ARG A 354 -16.47 -11.26 12.44
C ARG A 354 -17.86 -11.76 12.91
N LEU A 355 -18.80 -10.83 13.02
CA LEU A 355 -20.16 -11.14 13.47
C LEU A 355 -20.99 -11.81 12.39
N THR A 356 -22.13 -12.41 12.76
CA THR A 356 -23.11 -12.82 11.73
C THR A 356 -23.95 -11.62 11.22
N LYS A 357 -24.63 -11.81 10.11
CA LYS A 357 -25.54 -10.79 9.56
C LYS A 357 -26.61 -10.43 10.62
N GLU A 358 -27.13 -11.45 11.31
CA GLU A 358 -28.16 -11.23 12.34
C GLU A 358 -27.60 -10.44 13.54
N GLU A 359 -26.36 -10.74 13.94
CA GLU A 359 -25.71 -9.99 15.01
C GLU A 359 -25.47 -8.52 14.63
N ARG A 360 -25.07 -8.26 13.38
CA ARG A 360 -24.89 -6.86 12.96
C ARG A 360 -26.25 -6.14 12.90
N LEU A 361 -27.29 -6.84 12.42
CA LEU A 361 -28.63 -6.18 12.42
C LEU A 361 -29.05 -5.74 13.84
N LYS A 362 -28.82 -6.61 14.82
CA LYS A 362 -29.19 -6.33 16.21
C LYS A 362 -28.44 -5.10 16.74
N LYS A 363 -27.13 -5.02 16.49
CA LYS A 363 -26.35 -3.86 16.96
C LYS A 363 -26.81 -2.57 16.30
N LEU A 364 -27.18 -2.65 15.01
CA LEU A 364 -27.59 -1.43 14.30
C LEU A 364 -28.93 -0.94 14.85
N CYS A 365 -29.86 -1.88 15.08
CA CYS A 365 -31.19 -1.47 15.58
C CYS A 365 -31.11 -0.86 16.97
N GLU A 366 -30.25 -1.44 17.82
CA GLU A 366 -30.05 -0.94 19.19
C GLU A 366 -29.45 0.49 19.16
N LEU A 367 -28.51 0.70 18.23
CA LEU A 367 -27.92 2.02 18.06
C LEU A 367 -28.98 3.04 17.58
N TYR A 368 -29.71 2.69 16.53
CA TYR A 368 -30.75 3.61 15.98
C TYR A 368 -31.83 3.93 17.03
N ALA A 369 -32.23 2.93 17.80
CA ALA A 369 -33.21 3.14 18.89
C ALA A 369 -32.72 4.21 19.86
N LYS A 370 -31.49 4.11 20.30
CA LYS A 370 -30.91 5.16 21.18
C LYS A 370 -30.81 6.53 20.50
N VAL A 371 -30.22 6.55 19.31
CA VAL A 371 -29.98 7.85 18.65
C VAL A 371 -31.28 8.58 18.34
N LEU A 372 -32.28 7.84 17.87
CA LEU A 372 -33.63 8.37 17.53
C LEU A 372 -34.60 8.48 18.73
N GLY A 373 -34.17 7.99 19.90
CA GLY A 373 -35.02 7.91 21.10
C GLY A 373 -36.32 7.17 20.79
N SER A 374 -36.20 6.10 20.03
CA SER A 374 -37.38 5.40 19.46
C SER A 374 -37.33 3.88 19.59
N LEU A 375 -38.19 3.32 20.43
CA LEU A 375 -38.34 1.85 20.51
C LEU A 375 -38.74 1.17 19.18
N GLU A 376 -39.44 1.88 18.30
CA GLU A 376 -39.82 1.30 16.99
C GLU A 376 -38.61 0.83 16.16
N ALA A 377 -37.44 1.43 16.41
CA ALA A 377 -36.19 1.04 15.71
C ALA A 377 -35.78 -0.40 16.01
N LEU A 378 -36.33 -0.98 17.08
CA LEU A 378 -36.01 -2.38 17.44
C LEU A 378 -36.92 -3.35 16.69
N GLU A 379 -37.75 -2.84 15.79
CA GLU A 379 -38.67 -3.71 15.05
C GLU A 379 -38.45 -3.76 13.53
N PRO A 380 -37.23 -4.15 13.08
CA PRO A 380 -37.03 -4.22 11.61
C PRO A 380 -37.89 -5.28 10.93
N VAL A 381 -38.22 -5.07 9.66
CA VAL A 381 -38.99 -6.06 8.86
C VAL A 381 -38.09 -6.79 7.84
N HIS A 382 -36.91 -6.24 7.57
CA HIS A 382 -35.99 -6.83 6.58
C HIS A 382 -34.61 -6.17 6.71
N TYR A 383 -33.58 -6.81 6.15
CA TYR A 383 -32.21 -6.28 6.25
C TYR A 383 -31.42 -6.74 5.01
N GLU A 384 -30.63 -5.83 4.42
CA GLU A 384 -29.65 -6.21 3.41
C GLU A 384 -28.33 -5.53 3.73
N GLU A 385 -27.21 -6.12 3.29
CA GLU A 385 -25.89 -5.52 3.52
C GLU A 385 -24.88 -6.02 2.46
N LYS A 386 -23.78 -5.30 2.30
CA LYS A 386 -22.68 -5.77 1.47
C LYS A 386 -21.37 -5.26 2.07
N ASN A 387 -20.48 -6.20 2.40
CA ASN A 387 -19.14 -5.84 2.86
C ASN A 387 -18.21 -5.83 1.62
N TRP A 388 -17.78 -4.64 1.20
CA TRP A 388 -17.01 -4.52 -0.06
C TRP A 388 -15.53 -4.98 0.09
N CYS A 389 -15.08 -5.15 1.35
CA CYS A 389 -13.71 -5.66 1.66
C CYS A 389 -13.49 -7.08 1.13
N GLU A 390 -14.57 -7.82 0.94
CA GLU A 390 -14.44 -9.22 0.49
C GLU A 390 -14.29 -9.42 -1.03
N GLU A 391 -14.41 -8.34 -1.80
CA GLU A 391 -14.49 -8.45 -3.26
C GLU A 391 -13.10 -8.54 -3.93
N GLN A 392 -12.80 -9.71 -4.53
CA GLN A 392 -11.55 -9.93 -5.26
C GLN A 392 -11.40 -8.92 -6.41
N TYR A 393 -12.51 -8.59 -7.07
CA TYR A 393 -12.42 -7.74 -8.28
C TYR A 393 -12.79 -6.26 -8.03
N SER A 394 -12.87 -5.86 -6.75
CA SER A 394 -12.94 -4.46 -6.38
C SER A 394 -11.76 -4.07 -5.47
N GLY A 395 -11.51 -4.87 -4.43
CA GLY A 395 -10.38 -4.60 -3.48
C GLY A 395 -10.85 -3.81 -2.24
N GLY A 396 -12.04 -3.19 -2.33
CA GLY A 396 -12.63 -2.40 -1.25
C GLY A 396 -13.59 -1.36 -1.86
N CYS A 397 -14.04 -0.42 -1.03
CA CYS A 397 -14.80 0.78 -1.47
C CYS A 397 -14.56 1.91 -0.45
N TYR A 398 -14.85 3.18 -0.79
CA TYR A 398 -15.38 3.56 -2.11
C TYR A 398 -14.33 3.52 -3.20
N THR A 399 -13.09 3.83 -2.81
CA THR A 399 -12.07 4.12 -3.81
C THR A 399 -10.67 3.95 -3.23
N THR A 400 -9.67 4.28 -4.03
CA THR A 400 -8.27 4.12 -3.70
C THR A 400 -7.80 5.29 -2.85
N TYR A 401 -7.14 4.99 -1.72
CA TYR A 401 -6.49 6.07 -0.95
C TYR A 401 -4.95 6.02 -1.07
N PHE A 402 -4.30 7.17 -0.83
CA PHE A 402 -2.83 7.19 -0.90
C PHE A 402 -2.25 7.41 0.50
N PRO A 403 -1.39 6.48 0.97
CA PRO A 403 -0.72 6.63 2.29
C PRO A 403 0.38 7.70 2.15
N PRO A 404 0.94 8.16 3.27
CA PRO A 404 1.93 9.26 3.24
C PRO A 404 3.10 8.99 2.27
N GLY A 405 3.46 10.00 1.47
CA GLY A 405 4.64 9.89 0.58
C GLY A 405 4.42 9.37 -0.84
N ILE A 406 3.25 8.79 -1.09
CA ILE A 406 3.05 8.07 -2.33
C ILE A 406 2.62 8.99 -3.48
N LEU A 407 1.69 9.90 -3.20
CA LEU A 407 1.13 10.74 -4.27
C LEU A 407 2.21 11.65 -4.91
N THR A 408 3.15 12.18 -4.12
CA THR A 408 4.22 12.97 -4.76
C THR A 408 5.25 12.12 -5.52
N GLN A 409 5.51 10.90 -5.08
CA GLN A 409 6.51 10.07 -5.74
C GLN A 409 5.99 9.35 -6.97
N TYR A 410 4.72 8.96 -6.96
CA TYR A 410 4.15 8.03 -7.97
C TYR A 410 2.89 8.58 -8.65
N GLY A 411 2.33 9.67 -8.11
CA GLY A 411 1.06 10.23 -8.64
C GLY A 411 1.06 10.53 -10.13
N ARG A 412 2.17 11.02 -10.67
CA ARG A 412 2.22 11.38 -12.10
C ARG A 412 2.10 10.17 -13.06
N VAL A 413 2.27 8.95 -12.52
CA VAL A 413 2.17 7.68 -13.26
C VAL A 413 0.72 7.22 -13.51
N LEU A 414 -0.23 7.66 -12.69
CA LEU A 414 -1.56 7.05 -12.65
C LEU A 414 -2.22 6.96 -14.02
N ARG A 415 -2.20 8.06 -14.79
CA ARG A 415 -2.83 7.98 -16.12
C ARG A 415 -1.89 8.14 -17.32
N GLN A 416 -0.59 8.01 -17.07
CA GLN A 416 0.40 7.98 -18.13
C GLN A 416 0.26 6.67 -18.96
N PRO A 417 0.04 6.78 -20.30
CA PRO A 417 -0.07 5.57 -21.13
C PRO A 417 1.20 4.71 -21.06
N VAL A 418 1.02 3.40 -21.16
CA VAL A 418 2.13 2.46 -21.26
C VAL A 418 2.05 1.84 -22.65
N ASP A 419 2.83 2.40 -23.58
CA ASP A 419 2.80 2.00 -25.01
C ASP A 419 1.36 2.16 -25.58
N ARG A 420 0.61 1.07 -25.76
CA ARG A 420 -0.72 1.17 -26.30
C ARG A 420 -1.84 0.91 -25.27
N ILE A 421 -1.46 0.89 -23.98
CA ILE A 421 -2.44 0.78 -22.89
C ILE A 421 -2.69 2.19 -22.33
N TYR A 422 -3.98 2.57 -22.31
CA TYR A 422 -4.44 3.85 -21.72
C TYR A 422 -5.25 3.57 -20.44
N PHE A 423 -5.29 4.52 -19.50
CA PHE A 423 -5.89 4.24 -18.19
C PHE A 423 -7.15 5.04 -17.88
N ALA A 424 -8.27 4.32 -17.66
CA ALA A 424 -9.54 4.95 -17.23
C ALA A 424 -9.71 4.63 -15.74
N GLY A 425 -10.96 4.57 -15.28
CA GLY A 425 -11.24 4.26 -13.89
C GLY A 425 -11.39 5.54 -13.10
N THR A 426 -12.27 5.54 -12.10
CA THR A 426 -12.60 6.79 -11.42
C THR A 426 -11.35 7.41 -10.75
N GLU A 427 -10.43 6.56 -10.35
CA GLU A 427 -9.17 7.02 -9.73
C GLU A 427 -8.33 7.98 -10.56
N THR A 428 -8.47 7.92 -11.91
CA THR A 428 -7.74 8.81 -12.81
C THR A 428 -8.47 10.10 -13.17
N ALA A 429 -9.66 10.31 -12.59
CA ALA A 429 -10.40 11.57 -12.84
C ALA A 429 -9.79 12.79 -12.15
N THR A 430 -10.20 13.98 -12.63
CA THR A 430 -9.77 15.23 -12.03
C THR A 430 -10.91 16.02 -11.36
N HIS A 431 -12.14 15.53 -11.50
CA HIS A 431 -13.33 16.16 -10.87
C HIS A 431 -14.24 15.01 -10.38
N TRP A 432 -14.48 14.96 -9.06
CA TRP A 432 -15.19 13.82 -8.44
C TRP A 432 -14.56 12.45 -8.75
N SER A 433 -13.24 12.41 -8.79
CA SER A 433 -12.50 11.13 -8.65
C SER A 433 -12.99 10.44 -7.37
N GLY A 434 -13.15 9.09 -7.46
CA GLY A 434 -13.71 8.25 -6.39
C GLY A 434 -15.21 7.98 -6.56
N TYR A 435 -15.86 8.75 -7.47
CA TYR A 435 -17.32 8.70 -7.68
C TYR A 435 -17.72 8.15 -9.08
N MET A 436 -19.03 7.92 -9.26
CA MET A 436 -19.56 7.56 -10.58
C MET A 436 -19.25 8.66 -11.59
N GLU A 437 -19.39 9.94 -11.18
CA GLU A 437 -19.01 11.09 -12.02
C GLU A 437 -17.58 10.94 -12.56
N GLY A 438 -16.62 10.71 -11.67
CA GLY A 438 -15.21 10.55 -12.09
C GLY A 438 -15.02 9.33 -13.02
N ALA A 439 -15.77 8.26 -12.81
CA ALA A 439 -15.68 7.10 -13.71
C ALA A 439 -16.02 7.52 -15.16
N VAL A 440 -17.07 8.34 -15.31
CA VAL A 440 -17.48 8.78 -16.68
C VAL A 440 -16.41 9.67 -17.26
N GLU A 441 -15.92 10.63 -16.47
CA GLU A 441 -14.90 11.55 -16.94
C GLU A 441 -13.68 10.79 -17.46
N ALA A 442 -13.21 9.83 -16.65
CA ALA A 442 -12.00 9.06 -17.00
C ALA A 442 -12.18 8.09 -18.18
N GLY A 443 -13.36 7.46 -18.28
CA GLY A 443 -13.61 6.53 -19.39
C GLY A 443 -13.67 7.28 -20.72
N GLU A 444 -14.37 8.40 -20.75
CA GLU A 444 -14.50 9.20 -21.98
C GLU A 444 -13.16 9.85 -22.36
N ARG A 445 -12.43 10.34 -21.37
CA ARG A 445 -11.07 10.88 -21.62
C ARG A 445 -10.12 9.85 -22.21
N ALA A 446 -10.06 8.64 -21.62
CA ALA A 446 -9.16 7.58 -22.14
C ALA A 446 -9.58 7.18 -23.58
N ALA A 447 -10.89 7.09 -23.81
CA ALA A 447 -11.38 6.78 -25.19
C ALA A 447 -10.92 7.84 -26.18
N ARG A 448 -11.02 9.11 -25.80
CA ARG A 448 -10.59 10.21 -26.69
C ARG A 448 -9.05 10.24 -26.85
N GLU A 449 -8.28 9.82 -25.84
CA GLU A 449 -6.83 9.67 -26.06
C GLU A 449 -6.52 8.70 -27.21
N ILE A 450 -7.28 7.61 -27.27
CA ILE A 450 -7.13 6.63 -28.33
C ILE A 450 -7.60 7.21 -29.68
N LEU A 451 -8.73 7.91 -29.69
CA LEU A 451 -9.20 8.55 -30.95
C LEU A 451 -8.13 9.55 -31.49
N HIS A 452 -7.50 10.28 -30.59
CA HIS A 452 -6.39 11.16 -30.97
C HIS A 452 -5.19 10.36 -31.51
N ALA A 453 -4.79 9.29 -30.82
CA ALA A 453 -3.74 8.40 -31.33
C ALA A 453 -4.00 7.85 -32.74
N MET A 454 -5.27 7.55 -33.05
CA MET A 454 -5.69 7.08 -34.39
C MET A 454 -5.80 8.18 -35.46
N GLY A 455 -5.61 9.43 -35.03
CA GLY A 455 -5.68 10.58 -35.93
C GLY A 455 -7.10 11.04 -36.19
N LYS A 456 -8.07 10.56 -35.40
CA LYS A 456 -9.50 10.86 -35.62
C LYS A 456 -9.98 12.21 -35.08
N ILE A 457 -9.30 12.72 -34.05
CA ILE A 457 -9.67 14.01 -33.42
C ILE A 457 -8.40 14.74 -33.10
N PRO A 458 -8.45 16.08 -33.04
CA PRO A 458 -7.24 16.81 -32.67
C PRO A 458 -6.99 16.76 -31.15
N GLU A 459 -5.79 17.15 -30.75
CA GLU A 459 -5.34 17.02 -29.36
C GLU A 459 -6.24 17.77 -28.37
N ASP A 460 -6.69 18.96 -28.76
CA ASP A 460 -7.48 19.82 -27.87
C ASP A 460 -8.87 19.26 -27.60
N GLU A 461 -9.24 18.17 -28.28
CA GLU A 461 -10.50 17.51 -28.00
C GLU A 461 -10.39 16.32 -27.03
N ILE A 462 -9.19 16.03 -26.56
CA ILE A 462 -9.00 14.88 -25.63
C ILE A 462 -9.74 15.14 -24.28
N TRP A 463 -9.51 16.31 -23.69
CA TRP A 463 -10.20 16.77 -22.47
C TRP A 463 -11.35 17.73 -22.85
N GLN A 464 -12.58 17.38 -22.48
CA GLN A 464 -13.75 18.19 -22.86
C GLN A 464 -14.60 18.57 -21.66
N SER A 465 -14.99 19.85 -21.62
CA SER A 465 -15.87 20.37 -20.56
C SER A 465 -17.28 19.80 -20.73
N GLU A 466 -18.09 19.85 -19.66
CA GLU A 466 -19.45 19.31 -19.67
C GLU A 466 -20.45 20.43 -19.37
N PRO A 467 -21.47 20.58 -20.23
CA PRO A 467 -22.54 21.56 -19.92
C PRO A 467 -23.23 21.21 -18.59
N GLU A 468 -23.58 22.24 -17.82
CA GLU A 468 -24.30 22.03 -16.56
C GLU A 468 -25.67 21.39 -16.80
N SER A 469 -26.03 20.39 -15.99
CA SER A 469 -27.37 19.81 -16.00
C SER A 469 -28.46 20.90 -15.81
N VAL A 470 -29.50 20.85 -16.63
CA VAL A 470 -30.66 21.72 -16.46
C VAL A 470 -31.64 21.14 -15.44
N ASP A 471 -31.52 19.87 -15.12
CA ASP A 471 -32.38 19.23 -14.12
C ASP A 471 -31.84 19.35 -12.68
N VAL A 472 -30.52 19.41 -12.53
CA VAL A 472 -29.88 19.45 -11.20
C VAL A 472 -28.85 20.60 -11.20
N PRO A 473 -29.31 21.84 -11.23
CA PRO A 473 -28.26 22.88 -11.33
C PRO A 473 -27.63 23.17 -9.95
N ALA A 474 -26.41 23.65 -9.92
CA ALA A 474 -25.70 23.82 -8.67
C ALA A 474 -25.86 25.22 -8.11
N GLN A 475 -26.22 25.32 -6.84
CA GLN A 475 -26.13 26.59 -6.11
C GLN A 475 -24.67 26.78 -5.70
N PRO A 476 -24.20 28.03 -5.71
CA PRO A 476 -22.81 28.26 -5.33
C PRO A 476 -22.64 27.99 -3.85
N ILE A 477 -21.42 27.71 -3.43
CA ILE A 477 -21.12 27.60 -1.99
C ILE A 477 -20.62 28.97 -1.52
N THR A 478 -21.32 29.58 -0.58
CA THR A 478 -20.99 30.95 -0.17
C THR A 478 -20.54 30.95 1.27
N THR A 479 -19.80 31.98 1.67
CA THR A 479 -19.44 32.23 3.07
C THR A 479 -19.90 33.65 3.49
N THR A 480 -19.90 33.92 4.81
CA THR A 480 -20.20 35.28 5.29
C THR A 480 -18.90 35.99 5.61
N PHE A 481 -19.01 37.32 5.76
CA PHE A 481 -17.89 38.15 6.18
C PHE A 481 -17.21 37.64 7.47
N LEU A 482 -18.03 37.32 8.48
CA LEU A 482 -17.51 36.81 9.76
C LEU A 482 -16.83 35.44 9.59
N GLU A 483 -17.42 34.58 8.77
CA GLU A 483 -16.80 33.27 8.49
C GLU A 483 -15.42 33.41 7.85
N ARG A 484 -15.30 34.31 6.87
CA ARG A 484 -14.01 34.63 6.24
C ARG A 484 -12.94 35.23 7.19
N HIS A 485 -13.33 36.13 8.10
CA HIS A 485 -12.33 36.97 8.79
C HIS A 485 -12.16 36.76 10.32
N LEU A 486 -13.05 36.01 10.94
CA LEU A 486 -12.87 35.65 12.37
C LEU A 486 -11.52 34.92 12.56
N PRO A 487 -10.80 35.20 13.67
CA PRO A 487 -9.48 34.57 13.82
C PRO A 487 -9.59 33.09 14.16
N SER A 488 -8.51 32.34 13.95
CA SER A 488 -8.38 31.00 14.53
C SER A 488 -8.13 31.17 16.04
N VAL A 489 -8.03 30.04 16.74
CA VAL A 489 -7.67 30.11 18.15
C VAL A 489 -6.25 30.71 18.34
N PRO A 490 -5.22 30.20 17.64
CA PRO A 490 -3.91 30.87 17.84
C PRO A 490 -3.90 32.32 17.36
N GLY A 491 -4.71 32.65 16.36
CA GLY A 491 -4.82 34.05 15.90
C GLY A 491 -5.37 34.91 17.03
N LEU A 492 -6.38 34.41 17.73
CA LEU A 492 -6.97 35.13 18.86
C LEU A 492 -5.97 35.30 20.01
N LEU A 493 -5.19 34.26 20.28
CA LEU A 493 -4.20 34.33 21.35
C LEU A 493 -3.10 35.34 21.02
N ARG A 494 -2.71 35.38 19.75
CA ARG A 494 -1.79 36.42 19.26
C ARG A 494 -2.37 37.82 19.53
N LEU A 495 -3.64 38.05 19.19
CA LEU A 495 -4.32 39.31 19.48
C LEU A 495 -4.31 39.66 20.98
N ILE A 496 -4.69 38.70 21.83
CA ILE A 496 -4.64 38.85 23.29
C ILE A 496 -3.23 39.19 23.80
N GLY A 497 -2.22 38.49 23.30
CA GLY A 497 -0.84 38.71 23.72
C GLY A 497 -0.39 40.12 23.40
N LEU A 498 -0.72 40.56 22.20
CA LEU A 498 -0.43 41.88 21.68
C LEU A 498 -1.08 42.99 22.50
N THR A 499 -2.39 42.87 22.73
CA THR A 499 -3.15 43.83 23.54
C THR A 499 -2.56 43.98 24.94
N THR A 500 -2.27 42.85 25.58
CA THR A 500 -1.80 42.89 26.97
C THR A 500 -0.29 43.20 27.10
N ILE A 501 0.41 43.38 25.97
CA ILE A 501 1.81 43.84 25.94
C ILE A 501 1.92 45.38 25.87
N ASN B 3 -0.50 -32.96 -14.04
CA ASN B 3 0.79 -33.14 -13.31
C ASN B 3 0.57 -33.30 -11.78
N LYS B 4 0.63 -34.53 -11.26
CA LYS B 4 0.22 -34.75 -9.87
C LYS B 4 1.40 -34.89 -8.93
N CYS B 5 1.26 -34.31 -7.72
CA CYS B 5 2.33 -34.37 -6.73
C CYS B 5 1.74 -34.17 -5.33
N ASP B 6 2.58 -34.26 -4.31
CA ASP B 6 2.13 -34.01 -2.93
C ASP B 6 1.96 -32.50 -2.58
N VAL B 7 2.97 -31.72 -2.95
CA VAL B 7 2.99 -30.29 -2.59
C VAL B 7 3.55 -29.47 -3.77
N VAL B 8 2.84 -28.41 -4.12
CA VAL B 8 3.34 -27.43 -5.08
C VAL B 8 3.88 -26.23 -4.26
N VAL B 9 5.10 -25.81 -4.56
CA VAL B 9 5.69 -24.63 -3.90
C VAL B 9 5.68 -23.53 -4.94
N VAL B 10 5.00 -22.43 -4.65
CA VAL B 10 4.98 -21.30 -5.55
C VAL B 10 6.14 -20.36 -5.24
N GLY B 11 7.13 -20.28 -6.13
CA GLY B 11 8.31 -19.44 -5.89
C GLY B 11 9.58 -20.24 -5.58
N GLY B 12 10.63 -19.98 -6.37
CA GLY B 12 11.95 -20.65 -6.22
C GLY B 12 13.02 -19.68 -5.73
N GLY B 13 12.66 -18.80 -4.81
CA GLY B 13 13.66 -18.04 -4.02
C GLY B 13 14.17 -18.93 -2.90
N ILE B 14 14.99 -18.38 -1.99
CA ILE B 14 15.51 -19.18 -0.85
C ILE B 14 14.44 -19.84 -0.01
N SER B 15 13.36 -19.12 0.27
CA SER B 15 12.30 -19.67 1.12
C SER B 15 11.59 -20.86 0.47
N GLY B 16 11.19 -20.68 -0.79
CA GLY B 16 10.56 -21.75 -1.59
C GLY B 16 11.48 -22.97 -1.72
N MET B 17 12.75 -22.72 -2.05
CA MET B 17 13.74 -23.81 -2.14
C MET B 17 13.97 -24.53 -0.83
N ALA B 18 14.09 -23.77 0.26
CA ALA B 18 14.27 -24.36 1.59
C ALA B 18 13.06 -25.24 1.96
N ALA B 19 11.86 -24.76 1.69
CA ALA B 19 10.65 -25.58 1.95
C ALA B 19 10.65 -26.88 1.12
N ALA B 20 10.92 -26.74 -0.19
CA ALA B 20 10.87 -27.86 -1.11
C ALA B 20 11.93 -28.90 -0.73
N LYS B 21 13.15 -28.45 -0.40
CA LYS B 21 14.19 -29.38 0.07
C LYS B 21 13.75 -30.18 1.32
N LEU B 22 13.18 -29.50 2.31
CA LEU B 22 12.77 -30.18 3.54
C LEU B 22 11.68 -31.25 3.23
N LEU B 23 10.68 -30.88 2.42
CA LEU B 23 9.64 -31.84 2.04
C LEU B 23 10.18 -33.03 1.21
N HIS B 24 11.01 -32.71 0.21
CA HIS B 24 11.73 -33.73 -0.57
C HIS B 24 12.52 -34.69 0.33
N ASP B 25 13.30 -34.15 1.27
CA ASP B 25 14.11 -34.97 2.20
C ASP B 25 13.23 -35.90 3.08
N SER B 26 11.97 -35.50 3.32
CA SER B 26 11.03 -36.30 4.11
CA SER B 26 11.06 -36.32 4.12
C SER B 26 10.33 -37.36 3.26
N GLY B 27 10.63 -37.40 1.97
CA GLY B 27 10.00 -38.39 1.09
C GLY B 27 8.75 -37.97 0.33
N LEU B 28 8.35 -36.69 0.41
CA LEU B 28 7.23 -36.22 -0.41
C LEU B 28 7.65 -35.83 -1.82
N ASN B 29 6.71 -35.96 -2.76
CA ASN B 29 6.90 -35.49 -4.13
C ASN B 29 6.56 -33.98 -4.25
N VAL B 30 7.58 -33.17 -4.54
CA VAL B 30 7.39 -31.72 -4.60
C VAL B 30 7.63 -31.19 -6.00
N VAL B 31 6.95 -30.10 -6.34
CA VAL B 31 7.23 -29.37 -7.56
C VAL B 31 7.35 -27.90 -7.15
N VAL B 32 8.35 -27.22 -7.71
CA VAL B 32 8.52 -25.77 -7.51
C VAL B 32 8.14 -25.08 -8.80
N LEU B 33 7.18 -24.16 -8.75
CA LEU B 33 6.81 -23.38 -9.94
C LEU B 33 7.41 -21.98 -9.79
N GLU B 34 8.35 -21.65 -10.69
CA GLU B 34 9.11 -20.40 -10.63
C GLU B 34 8.76 -19.54 -11.85
N ALA B 35 8.35 -18.29 -11.61
CA ALA B 35 7.98 -17.37 -12.69
C ALA B 35 9.12 -17.01 -13.64
N ARG B 36 10.32 -16.79 -13.09
CA ARG B 36 11.48 -16.35 -13.89
C ARG B 36 12.14 -17.48 -14.61
N ASP B 37 13.04 -17.12 -15.52
CA ASP B 37 13.94 -18.08 -16.15
C ASP B 37 15.16 -18.39 -15.30
N ARG B 38 15.10 -18.04 -14.01
CA ARG B 38 16.19 -18.31 -13.09
C ARG B 38 15.59 -18.56 -11.70
N VAL B 39 16.34 -19.20 -10.81
CA VAL B 39 15.96 -19.28 -9.38
C VAL B 39 16.68 -18.20 -8.60
N GLY B 40 16.39 -18.07 -7.30
CA GLY B 40 17.11 -17.08 -6.43
C GLY B 40 16.30 -15.85 -6.02
N GLY B 41 15.37 -15.43 -6.87
CA GLY B 41 14.44 -14.34 -6.47
C GLY B 41 15.19 -13.01 -6.18
N ARG B 42 15.13 -12.55 -4.92
CA ARG B 42 15.81 -11.30 -4.51
C ARG B 42 17.29 -11.52 -4.23
N THR B 43 17.76 -12.76 -4.35
CA THR B 43 19.21 -13.00 -4.58
C THR B 43 19.49 -13.23 -6.07
N TYR B 44 20.65 -12.76 -6.53
CA TYR B 44 21.05 -12.91 -7.95
C TYR B 44 22.56 -12.71 -8.02
N THR B 45 23.28 -13.75 -8.44
CA THR B 45 24.73 -13.64 -8.56
C THR B 45 25.08 -13.68 -10.06
N LEU B 46 25.70 -12.60 -10.55
CA LEU B 46 26.14 -12.51 -11.96
C LEU B 46 27.60 -12.94 -12.06
N ARG B 47 27.92 -13.73 -13.10
CA ARG B 47 29.32 -14.10 -13.37
C ARG B 47 29.76 -13.56 -14.73
N ASN B 48 30.94 -12.93 -14.78
CA ASN B 48 31.64 -12.62 -16.05
C ASN B 48 33.13 -12.44 -15.77
N GLN B 49 33.93 -12.29 -16.81
CA GLN B 49 35.37 -12.26 -16.63
C GLN B 49 35.82 -11.02 -15.84
N LYS B 50 35.08 -9.92 -15.99
CA LYS B 50 35.52 -8.67 -15.34
C LYS B 50 35.35 -8.67 -13.81
N VAL B 51 34.33 -9.39 -13.31
CA VAL B 51 33.99 -9.38 -11.88
C VAL B 51 34.23 -10.74 -11.21
N LYS B 52 34.42 -11.76 -12.03
CA LYS B 52 34.39 -13.20 -11.63
C LYS B 52 32.95 -13.57 -11.24
N TYR B 53 32.54 -13.15 -10.05
CA TYR B 53 31.13 -13.25 -9.59
C TYR B 53 30.77 -11.94 -8.81
N VAL B 54 29.51 -11.52 -8.81
CA VAL B 54 29.07 -10.41 -7.94
C VAL B 54 27.62 -10.59 -7.54
N ASP B 55 27.31 -10.40 -6.25
CA ASP B 55 25.94 -10.42 -5.78
C ASP B 55 25.28 -9.09 -6.15
N LEU B 56 24.20 -9.14 -6.93
CA LEU B 56 23.45 -7.92 -7.29
C LEU B 56 22.18 -7.79 -6.43
N GLY B 57 21.82 -8.88 -5.72
CA GLY B 57 20.73 -8.85 -4.73
C GLY B 57 21.28 -9.07 -3.33
N GLY B 58 20.51 -9.72 -2.47
CA GLY B 58 20.98 -9.93 -1.10
C GLY B 58 22.31 -10.70 -1.06
N SER B 59 23.17 -10.34 -0.10
CA SER B 59 24.57 -10.82 -0.08
CA SER B 59 24.54 -10.86 -0.07
C SER B 59 25.09 -11.18 1.33
N TYR B 60 24.75 -10.33 2.31
CA TYR B 60 25.41 -10.36 3.62
C TYR B 60 24.79 -11.37 4.58
N VAL B 61 25.64 -12.05 5.34
CA VAL B 61 25.19 -12.90 6.46
C VAL B 61 26.06 -12.61 7.67
N GLY B 62 25.58 -12.95 8.87
CA GLY B 62 26.34 -12.63 10.07
C GLY B 62 25.88 -13.47 11.24
N PRO B 63 26.50 -13.27 12.40
CA PRO B 63 26.21 -14.07 13.61
C PRO B 63 24.75 -13.96 14.02
N THR B 64 24.25 -15.04 14.60
CA THR B 64 22.84 -15.26 14.98
C THR B 64 21.95 -15.63 13.79
N GLN B 65 22.50 -15.65 12.56
CA GLN B 65 21.71 -16.11 11.38
C GLN B 65 22.04 -17.60 11.13
N ASN B 66 21.66 -18.46 12.08
CA ASN B 66 22.16 -19.85 12.07
C ASN B 66 21.54 -20.79 11.02
N ARG B 67 20.29 -20.51 10.64
CA ARG B 67 19.62 -21.34 9.62
C ARG B 67 20.23 -21.20 8.20
N ILE B 68 20.41 -19.96 7.74
CA ILE B 68 21.02 -19.74 6.42
C ILE B 68 22.48 -20.27 6.40
N LEU B 69 23.22 -20.05 7.49
CA LEU B 69 24.58 -20.55 7.59
C LEU B 69 24.60 -22.12 7.55
N ARG B 70 23.69 -22.75 8.28
CA ARG B 70 23.59 -24.24 8.26
C ARG B 70 23.22 -24.80 6.86
N LEU B 71 22.19 -24.23 6.22
CA LEU B 71 21.77 -24.67 4.90
C LEU B 71 22.87 -24.47 3.85
N ALA B 72 23.50 -23.29 3.83
CA ALA B 72 24.62 -23.04 2.91
C ALA B 72 25.78 -24.02 3.13
N LYS B 73 26.15 -24.25 4.40
CA LYS B 73 27.24 -25.21 4.67
C LYS B 73 26.92 -26.60 4.15
N GLU B 74 25.69 -27.06 4.39
CA GLU B 74 25.24 -28.36 3.89
C GLU B 74 25.36 -28.47 2.37
N LEU B 75 25.09 -27.37 1.67
CA LEU B 75 25.21 -27.28 0.20
C LEU B 75 26.67 -27.08 -0.30
N GLY B 76 27.62 -26.97 0.61
CA GLY B 76 29.06 -26.96 0.22
C GLY B 76 29.62 -25.54 0.11
N LEU B 77 28.89 -24.54 0.63
CA LEU B 77 29.37 -23.14 0.56
C LEU B 77 30.20 -22.72 1.79
N GLU B 78 31.02 -21.68 1.59
CA GLU B 78 31.90 -21.11 2.66
C GLU B 78 31.67 -19.60 2.68
N THR B 79 31.94 -18.97 3.81
CA THR B 79 31.85 -17.49 3.88
C THR B 79 33.24 -16.88 4.00
N TYR B 80 33.32 -15.56 3.79
CA TYR B 80 34.54 -14.81 4.08
C TYR B 80 34.08 -13.51 4.73
N LYS B 81 34.99 -12.85 5.44
CA LYS B 81 34.64 -11.63 6.21
C LYS B 81 34.76 -10.39 5.34
N VAL B 82 33.73 -9.54 5.38
CA VAL B 82 33.73 -8.26 4.72
C VAL B 82 34.88 -7.42 5.31
N ASN B 83 35.63 -6.70 4.47
CA ASN B 83 36.77 -5.94 5.01
C ASN B 83 36.40 -4.84 6.03
N GLU B 84 36.88 -4.97 7.28
CA GLU B 84 36.73 -3.90 8.28
C GLU B 84 38.03 -3.69 9.07
N VAL B 85 39.18 -3.87 8.42
CA VAL B 85 40.47 -3.75 9.13
C VAL B 85 40.78 -2.28 9.47
N GLU B 86 40.60 -1.41 8.48
CA GLU B 86 40.94 0.03 8.62
C GLU B 86 39.73 0.86 9.11
N ARG B 87 39.82 2.20 9.02
CA ARG B 87 38.78 3.04 9.60
C ARG B 87 37.54 3.18 8.71
N LEU B 88 36.39 3.34 9.36
CA LEU B 88 35.13 3.70 8.72
C LEU B 88 35.13 5.24 8.51
N ILE B 89 34.26 5.72 7.62
CA ILE B 89 34.08 7.17 7.43
C ILE B 89 32.63 7.63 7.62
N HIS B 90 32.44 8.71 8.38
CA HIS B 90 31.15 9.41 8.36
C HIS B 90 31.38 10.75 7.63
N HIS B 91 30.66 10.97 6.52
CA HIS B 91 30.83 12.21 5.72
C HIS B 91 29.62 13.09 5.98
N VAL B 92 29.87 14.26 6.58
CA VAL B 92 28.83 15.15 7.15
C VAL B 92 29.18 16.55 6.72
N LYS B 93 28.19 17.30 6.21
CA LYS B 93 28.38 18.70 5.80
C LYS B 93 29.68 18.89 5.01
N GLY B 94 29.81 18.06 3.98
CA GLY B 94 30.91 18.14 3.05
C GLY B 94 32.28 17.73 3.56
N LYS B 95 32.38 17.02 4.70
CA LYS B 95 33.69 16.62 5.19
C LYS B 95 33.73 15.19 5.75
N SER B 96 34.86 14.49 5.58
CA SER B 96 35.00 13.11 6.08
C SER B 96 35.60 13.02 7.48
N TYR B 97 34.94 12.25 8.34
CA TYR B 97 35.40 12.02 9.71
C TYR B 97 35.65 10.52 9.95
N PRO B 98 36.92 10.13 10.07
CA PRO B 98 37.18 8.69 10.18
C PRO B 98 36.89 8.23 11.61
N PHE B 99 36.43 6.99 11.78
CA PHE B 99 36.05 6.47 13.12
C PHE B 99 36.09 4.94 13.18
N ARG B 100 36.00 4.39 14.41
CA ARG B 100 35.71 2.96 14.62
C ARG B 100 34.54 2.76 15.57
N GLY B 101 33.81 1.64 15.44
CA GLY B 101 32.71 1.32 16.36
C GLY B 101 31.32 1.33 15.73
N PRO B 102 30.29 0.94 16.51
CA PRO B 102 28.96 0.84 15.89
C PRO B 102 28.44 2.20 15.37
N PHE B 103 28.74 3.29 16.09
CA PHE B 103 28.22 4.63 15.74
C PHE B 103 29.30 5.68 15.67
N PRO B 104 29.21 6.63 14.72
CA PRO B 104 30.27 7.64 14.64
C PRO B 104 30.34 8.47 15.92
N PRO B 105 31.53 8.86 16.36
CA PRO B 105 31.58 9.68 17.58
C PRO B 105 30.89 11.06 17.44
N VAL B 106 30.40 11.55 18.56
CA VAL B 106 29.72 12.82 18.64
C VAL B 106 30.43 13.59 19.76
N TRP B 107 30.82 14.84 19.52
CA TRP B 107 31.60 15.59 20.54
C TRP B 107 30.82 16.64 21.38
N ASN B 108 29.98 17.44 20.74
CA ASN B 108 29.09 18.36 21.45
C ASN B 108 28.28 17.58 22.50
N PRO B 109 28.30 18.05 23.77
CA PRO B 109 27.70 17.31 24.88
C PRO B 109 26.18 17.12 24.76
N ILE B 110 25.48 18.14 24.24
CA ILE B 110 24.01 18.05 24.10
C ILE B 110 23.69 17.06 22.99
N THR B 111 24.40 17.20 21.88
CA THR B 111 24.28 16.29 20.74
C THR B 111 24.60 14.85 21.18
N TYR B 112 25.67 14.70 21.96
CA TYR B 112 26.01 13.39 22.53
C TYR B 112 24.88 12.76 23.31
N LEU B 113 24.28 13.49 24.25
CA LEU B 113 23.11 12.98 24.98
C LEU B 113 21.95 12.60 24.04
N ASP B 114 21.69 13.46 23.06
CA ASP B 114 20.57 13.25 22.13
C ASP B 114 20.79 11.98 21.27
N HIS B 115 22.01 11.78 20.75
CA HIS B 115 22.34 10.59 19.93
C HIS B 115 22.28 9.34 20.78
N ASN B 116 22.93 9.36 21.96
CA ASN B 116 22.87 8.23 22.88
C ASN B 116 21.43 7.81 23.24
N ASN B 117 20.59 8.78 23.57
CA ASN B 117 19.21 8.49 23.93
C ASN B 117 18.42 7.91 22.78
N PHE B 118 18.73 8.34 21.55
CA PHE B 118 17.95 7.87 20.42
C PHE B 118 18.10 6.36 20.23
N TRP B 119 19.35 5.88 20.11
CA TRP B 119 19.57 4.44 19.91
C TRP B 119 19.05 3.64 21.11
N ARG B 120 19.31 4.14 22.32
CA ARG B 120 18.89 3.46 23.53
C ARG B 120 17.36 3.32 23.59
N THR B 121 16.66 4.39 23.18
CA THR B 121 15.20 4.38 23.20
C THR B 121 14.61 3.43 22.15
N MET B 122 15.21 3.35 20.95
CA MET B 122 14.74 2.34 19.96
C MET B 122 14.82 0.92 20.54
N ASP B 123 15.92 0.61 21.24
CA ASP B 123 16.05 -0.71 21.85
C ASP B 123 15.11 -0.91 23.07
N ASP B 124 14.93 0.11 23.90
CA ASP B 124 13.98 0.00 25.06
C ASP B 124 12.58 -0.29 24.54
N MET B 125 12.16 0.43 23.49
CA MET B 125 10.83 0.23 22.89
C MET B 125 10.70 -1.18 22.33
N GLY B 126 11.76 -1.67 21.64
CA GLY B 126 11.74 -3.02 21.07
C GLY B 126 11.51 -4.12 22.10
N ARG B 127 11.99 -3.93 23.32
CA ARG B 127 11.84 -4.96 24.37
C ARG B 127 10.38 -5.22 24.76
N GLU B 128 9.48 -4.31 24.40
CA GLU B 128 8.03 -4.53 24.64
C GLU B 128 7.28 -5.06 23.41
N ILE B 129 8.01 -5.41 22.35
CA ILE B 129 7.35 -5.87 21.12
C ILE B 129 7.65 -7.36 20.87
N PRO B 130 6.63 -8.24 21.03
CA PRO B 130 6.90 -9.68 20.83
C PRO B 130 7.31 -9.95 19.37
N SER B 131 8.40 -10.70 19.19
CA SER B 131 8.92 -11.00 17.84
C SER B 131 7.90 -11.72 16.96
N ASP B 132 7.13 -12.63 17.57
CA ASP B 132 6.14 -13.42 16.84
C ASP B 132 4.74 -12.81 16.79
N ALA B 133 4.59 -11.59 17.33
CA ALA B 133 3.25 -10.96 17.39
C ALA B 133 3.39 -9.48 17.75
N PRO B 134 3.98 -8.65 16.86
CA PRO B 134 4.23 -7.24 17.26
C PRO B 134 2.92 -6.50 17.58
N TRP B 135 1.79 -6.94 17.00
CA TRP B 135 0.45 -6.36 17.30
C TRP B 135 0.02 -6.57 18.76
N LYS B 136 0.78 -7.36 19.51
CA LYS B 136 0.50 -7.57 20.95
C LYS B 136 1.35 -6.69 21.89
N ALA B 137 2.16 -5.79 21.32
CA ALA B 137 2.89 -4.81 22.12
C ALA B 137 1.86 -4.01 22.94
N PRO B 138 2.18 -3.68 24.19
CA PRO B 138 1.19 -2.97 25.03
C PRO B 138 0.73 -1.65 24.41
N LEU B 139 1.64 -0.93 23.74
CA LEU B 139 1.29 0.29 23.00
C LEU B 139 1.16 0.10 21.45
N ALA B 140 0.75 -1.10 21.03
CA ALA B 140 0.75 -1.42 19.59
C ALA B 140 0.01 -0.37 18.76
N GLU B 141 -1.20 0.01 19.17
CA GLU B 141 -1.98 0.94 18.36
C GLU B 141 -1.36 2.37 18.34
N GLU B 142 -0.97 2.86 19.51
CA GLU B 142 -0.30 4.16 19.57
C GLU B 142 0.94 4.22 18.63
N TRP B 143 1.80 3.20 18.71
CA TRP B 143 3.03 3.17 17.88
C TRP B 143 2.73 2.88 16.41
N ASP B 144 1.70 2.10 16.12
CA ASP B 144 1.37 1.79 14.71
C ASP B 144 0.70 2.95 13.98
N ASN B 145 0.09 3.87 14.75
CA ASN B 145 -0.65 4.99 14.15
C ASN B 145 0.22 6.21 13.88
N MET B 146 1.52 6.09 14.09
CA MET B 146 2.42 7.18 13.76
C MET B 146 3.53 6.67 12.83
N THR B 147 4.09 7.56 12.02
CA THR B 147 5.21 7.15 11.14
C THR B 147 6.52 7.25 11.90
N MET B 148 7.58 6.65 11.34
CA MET B 148 8.90 6.83 11.92
C MET B 148 9.29 8.30 11.89
N LYS B 149 8.83 9.07 10.90
CA LYS B 149 9.16 10.51 10.86
C LYS B 149 8.63 11.23 12.12
N GLU B 150 7.36 10.98 12.45
CA GLU B 150 6.77 11.55 13.66
CA GLU B 150 6.74 11.50 13.68
C GLU B 150 7.48 11.12 14.95
N LEU B 151 7.83 9.81 15.09
CA LEU B 151 8.64 9.36 16.24
C LEU B 151 10.00 10.09 16.32
N LEU B 152 10.70 10.21 15.19
CA LEU B 152 12.00 10.93 15.22
C LEU B 152 11.85 12.40 15.60
N ASP B 153 10.79 13.03 15.09
CA ASP B 153 10.49 14.43 15.45
C ASP B 153 10.25 14.59 16.95
N LYS B 154 9.59 13.62 17.57
CA LYS B 154 9.38 13.65 19.01
C LYS B 154 10.66 13.39 19.81
N LEU B 155 11.46 12.41 19.40
CA LEU B 155 12.61 11.94 20.20
C LEU B 155 13.88 12.78 20.04
N CYS B 156 14.13 13.28 18.83
CA CYS B 156 15.38 13.95 18.54
C CYS B 156 15.30 15.44 18.78
N TRP B 157 16.05 15.91 19.77
CA TRP B 157 16.14 17.34 20.07
C TRP B 157 17.19 18.06 19.24
N THR B 158 18.06 17.32 18.56
CA THR B 158 19.06 17.89 17.67
C THR B 158 18.85 17.42 16.23
N GLU B 159 19.23 18.30 15.30
CA GLU B 159 19.17 18.00 13.87
C GLU B 159 20.19 16.93 13.48
N SER B 160 21.33 16.95 14.17
CA SER B 160 22.39 15.93 13.97
C SER B 160 21.86 14.50 14.20
N ALA B 161 21.15 14.29 15.31
CA ALA B 161 20.60 12.97 15.61
C ALA B 161 19.48 12.58 14.62
N LYS B 162 18.60 13.54 14.28
CA LYS B 162 17.54 13.28 13.33
C LYS B 162 18.10 12.90 11.93
N GLN B 163 19.18 13.54 11.51
CA GLN B 163 19.76 13.26 10.20
C GLN B 163 20.36 11.82 10.17
N LEU B 164 21.06 11.46 11.25
CA LEU B 164 21.66 10.11 11.33
C LEU B 164 20.57 9.03 11.50
N ALA B 165 19.55 9.34 12.31
CA ALA B 165 18.41 8.42 12.46
C ALA B 165 17.71 8.18 11.12
N THR B 166 17.59 9.24 10.33
CA THR B 166 16.95 9.13 9.00
C THR B 166 17.79 8.20 8.06
N LEU B 167 19.10 8.42 8.04
CA LEU B 167 20.00 7.54 7.29
C LEU B 167 19.80 6.08 7.69
N PHE B 168 19.76 5.85 9.01
CA PHE B 168 19.55 4.51 9.59
C PHE B 168 18.27 3.87 9.08
N VAL B 169 17.13 4.59 9.14
CA VAL B 169 15.86 4.05 8.61
C VAL B 169 15.96 3.72 7.11
N ASN B 170 16.48 4.68 6.33
CA ASN B 170 16.55 4.51 4.89
C ASN B 170 17.41 3.29 4.51
N LEU B 171 18.52 3.06 5.20
CA LEU B 171 19.44 1.93 4.90
C LEU B 171 18.83 0.58 5.34
N CYS B 172 18.20 0.55 6.50
CA CYS B 172 17.65 -0.73 7.02
C CYS B 172 16.46 -1.24 6.22
N VAL B 173 15.62 -0.33 5.74
CA VAL B 173 14.31 -0.76 5.14
C VAL B 173 14.00 -0.13 3.76
N THR B 174 14.99 0.53 3.15
CA THR B 174 14.88 1.15 1.80
C THR B 174 13.58 1.95 1.60
N ALA B 175 13.23 2.72 2.64
CA ALA B 175 11.98 3.48 2.60
C ALA B 175 12.19 4.73 3.43
N GLU B 176 11.32 5.72 3.22
CA GLU B 176 11.47 7.03 3.85
C GLU B 176 10.87 6.91 5.26
N THR B 177 11.31 7.78 6.17
CA THR B 177 10.82 7.70 7.54
C THR B 177 9.29 7.98 7.57
N HIS B 178 8.80 8.87 6.68
CA HIS B 178 7.37 9.20 6.66
C HIS B 178 6.51 8.11 5.99
N GLU B 179 7.14 7.14 5.32
CA GLU B 179 6.39 6.06 4.64
C GLU B 179 5.96 4.90 5.53
N VAL B 180 6.68 4.69 6.64
CA VAL B 180 6.59 3.45 7.43
C VAL B 180 6.03 3.65 8.84
N SER B 181 5.28 2.65 9.32
CA SER B 181 4.85 2.59 10.74
C SER B 181 6.01 2.53 11.75
N ALA B 182 5.92 3.31 12.82
CA ALA B 182 6.89 3.26 13.91
C ALA B 182 6.85 1.89 14.58
N LEU B 183 5.66 1.35 14.84
CA LEU B 183 5.60 -0.03 15.41
C LEU B 183 6.31 -1.06 14.54
N TRP B 184 6.01 -1.02 13.23
CA TRP B 184 6.60 -2.00 12.32
C TRP B 184 8.13 -1.84 12.28
N PHE B 185 8.60 -0.59 12.21
CA PHE B 185 10.06 -0.40 12.12
C PHE B 185 10.76 -0.86 13.41
N LEU B 186 10.17 -0.52 14.56
CA LEU B 186 10.74 -0.92 15.84
C LEU B 186 10.77 -2.46 15.97
N TRP B 187 9.71 -3.11 15.51
CA TRP B 187 9.69 -4.57 15.45
C TRP B 187 10.84 -5.10 14.58
N TYR B 188 11.01 -4.49 13.40
CA TYR B 188 11.99 -4.96 12.42
C TYR B 188 13.40 -4.94 13.01
N VAL B 189 13.75 -3.87 13.72
CA VAL B 189 15.09 -3.78 14.35
C VAL B 189 15.23 -4.81 15.48
N LYS B 190 14.22 -4.86 16.35
CA LYS B 190 14.23 -5.77 17.50
C LYS B 190 14.38 -7.25 17.06
N GLN B 191 13.65 -7.66 16.00
CA GLN B 191 13.72 -9.03 15.52
C GLN B 191 15.02 -9.40 14.75
N CYS B 192 15.88 -8.41 14.47
CA CYS B 192 17.28 -8.64 14.03
C CYS B 192 18.28 -8.54 15.20
N GLY B 193 17.77 -8.46 16.42
CA GLY B 193 18.68 -8.40 17.60
C GLY B 193 19.05 -7.03 18.14
N GLY B 194 18.41 -5.99 17.61
CA GLY B 194 18.58 -4.62 18.14
C GLY B 194 19.48 -3.73 17.27
N THR B 195 19.65 -2.48 17.67
CA THR B 195 20.28 -1.46 16.79
C THR B 195 21.75 -1.81 16.46
N THR B 196 22.53 -2.21 17.45
CA THR B 196 23.96 -2.55 17.23
C THR B 196 24.09 -3.76 16.30
N ARG B 197 23.32 -4.81 16.59
CA ARG B 197 23.44 -6.06 15.79
C ARG B 197 23.07 -5.81 14.31
N ILE B 198 21.99 -5.07 14.08
CA ILE B 198 21.52 -4.89 12.68
C ILE B 198 22.48 -4.06 11.82
N ILE B 199 23.15 -3.09 12.45
CA ILE B 199 23.92 -2.10 11.69
C ILE B 199 25.43 -2.43 11.63
N SER B 200 25.87 -3.39 12.45
CA SER B 200 27.33 -3.66 12.55
C SER B 200 27.86 -4.55 11.42
N THR B 201 29.14 -4.40 11.12
CA THR B 201 29.83 -5.32 10.20
C THR B 201 30.43 -6.43 11.08
N THR B 202 31.53 -6.14 11.78
CA THR B 202 32.05 -7.11 12.77
C THR B 202 31.00 -7.37 13.83
N ASN B 203 30.64 -8.66 14.03
CA ASN B 203 29.62 -9.09 14.99
C ASN B 203 28.19 -8.60 14.66
N GLY B 204 27.90 -8.34 13.40
CA GLY B 204 26.53 -7.91 13.05
C GLY B 204 26.08 -8.47 11.70
N GLY B 205 25.01 -7.93 11.17
CA GLY B 205 24.43 -8.49 9.93
C GLY B 205 25.26 -8.26 8.67
N GLN B 206 26.26 -7.36 8.69
CA GLN B 206 27.10 -7.18 7.51
C GLN B 206 28.42 -7.97 7.58
N GLU B 207 28.54 -8.94 8.48
CA GLU B 207 29.87 -9.50 8.75
C GLU B 207 30.50 -10.21 7.56
N ARG B 208 29.70 -10.96 6.81
CA ARG B 208 30.23 -11.97 5.90
C ARG B 208 29.47 -11.97 4.58
N LYS B 209 30.12 -12.52 3.53
CA LYS B 209 29.47 -12.86 2.27
C LYS B 209 29.81 -14.32 1.91
N PHE B 210 29.06 -14.91 0.99
CA PHE B 210 29.38 -16.29 0.53
C PHE B 210 30.43 -16.25 -0.58
N VAL B 211 31.44 -17.11 -0.47
CA VAL B 211 32.42 -17.26 -1.55
C VAL B 211 31.68 -17.77 -2.80
N GLY B 212 31.80 -17.04 -3.91
CA GLY B 212 31.12 -17.41 -5.18
C GLY B 212 29.67 -16.89 -5.30
N GLY B 213 29.14 -16.27 -4.23
CA GLY B 213 27.82 -15.59 -4.31
C GLY B 213 26.67 -16.32 -3.63
N SER B 214 25.68 -15.54 -3.20
CA SER B 214 24.58 -16.13 -2.43
C SER B 214 23.57 -16.84 -3.35
N GLY B 215 23.61 -16.53 -4.65
CA GLY B 215 22.73 -17.18 -5.65
C GLY B 215 22.90 -18.69 -5.63
N GLN B 216 24.10 -19.12 -5.20
CA GLN B 216 24.44 -20.56 -5.14
C GLN B 216 23.54 -21.33 -4.16
N VAL B 217 22.97 -20.67 -3.15
CA VAL B 217 22.01 -21.36 -2.30
C VAL B 217 20.82 -21.90 -3.13
N SER B 218 20.12 -21.03 -3.86
CA SER B 218 18.96 -21.46 -4.65
C SER B 218 19.37 -22.37 -5.81
N GLU B 219 20.48 -22.03 -6.44
CA GLU B 219 20.96 -22.83 -7.60
C GLU B 219 21.27 -24.27 -7.17
N ARG B 220 21.91 -24.43 -6.01
CA ARG B 220 22.35 -25.76 -5.57
C ARG B 220 21.20 -26.61 -5.07
N ILE B 221 20.16 -25.96 -4.52
CA ILE B 221 18.91 -26.69 -4.24
C ILE B 221 18.19 -27.11 -5.54
N MET B 222 18.15 -26.23 -6.53
CA MET B 222 17.60 -26.60 -7.82
C MET B 222 18.39 -27.78 -8.45
N ASP B 223 19.72 -27.79 -8.25
CA ASP B 223 20.55 -28.93 -8.71
C ASP B 223 20.07 -30.23 -8.06
N LEU B 224 19.81 -30.21 -6.76
CA LEU B 224 19.35 -31.41 -6.07
C LEU B 224 18.01 -31.85 -6.62
N LEU B 225 17.11 -30.89 -6.87
CA LEU B 225 15.73 -31.25 -7.13
C LEU B 225 15.51 -31.65 -8.62
N GLY B 226 16.46 -31.29 -9.48
CA GLY B 226 16.41 -31.49 -10.96
C GLY B 226 15.14 -30.96 -11.60
N ASP B 227 14.47 -31.83 -12.35
CA ASP B 227 13.31 -31.41 -13.13
C ASP B 227 12.04 -31.17 -12.30
N ARG B 228 12.14 -31.29 -10.98
CA ARG B 228 11.05 -30.89 -10.10
C ARG B 228 10.84 -29.35 -10.07
N VAL B 229 11.89 -28.61 -10.45
CA VAL B 229 11.83 -27.15 -10.56
C VAL B 229 11.42 -26.76 -11.98
N LYS B 230 10.34 -26.00 -12.11
CA LYS B 230 9.82 -25.60 -13.42
C LYS B 230 10.02 -24.09 -13.58
N LEU B 231 10.95 -23.69 -14.44
CA LEU B 231 11.27 -22.29 -14.70
C LEU B 231 10.32 -21.71 -15.74
N GLU B 232 10.11 -20.37 -15.71
CA GLU B 232 9.12 -19.73 -16.59
C GLU B 232 7.69 -20.33 -16.45
N ARG B 233 7.31 -20.64 -15.22
CA ARG B 233 5.96 -21.02 -14.88
C ARG B 233 5.33 -20.06 -13.83
N PRO B 234 4.96 -18.84 -14.26
CA PRO B 234 4.26 -17.94 -13.35
C PRO B 234 2.90 -18.56 -13.02
N VAL B 235 2.60 -18.69 -11.73
CA VAL B 235 1.29 -19.14 -11.26
C VAL B 235 0.29 -18.01 -11.44
N ILE B 236 -0.85 -18.35 -12.06
CA ILE B 236 -1.95 -17.40 -12.37
C ILE B 236 -3.27 -17.74 -11.65
N TYR B 237 -3.42 -18.96 -11.14
CA TYR B 237 -4.75 -19.41 -10.67
C TYR B 237 -4.58 -20.56 -9.69
N ILE B 238 -5.29 -20.48 -8.56
CA ILE B 238 -5.34 -21.56 -7.60
C ILE B 238 -6.79 -21.82 -7.23
N ASP B 239 -7.21 -23.10 -7.37
CA ASP B 239 -8.58 -23.54 -7.15
C ASP B 239 -8.59 -24.59 -6.04
N GLN B 240 -9.29 -24.28 -4.95
CA GLN B 240 -9.40 -25.17 -3.81
C GLN B 240 -10.82 -25.73 -3.61
N THR B 241 -11.63 -25.73 -4.65
CA THR B 241 -13.03 -26.13 -4.47
C THR B 241 -13.21 -27.65 -4.54
N ARG B 242 -12.17 -28.37 -4.99
CA ARG B 242 -12.25 -29.82 -5.19
C ARG B 242 -11.38 -30.61 -4.21
N GLU B 243 -11.34 -31.92 -4.39
CA GLU B 243 -10.61 -32.83 -3.51
C GLU B 243 -9.10 -32.53 -3.43
N ASN B 244 -8.45 -32.40 -4.59
CA ASN B 244 -7.05 -31.96 -4.62
C ASN B 244 -6.97 -30.49 -5.08
N VAL B 245 -5.92 -29.77 -4.67
CA VAL B 245 -5.72 -28.36 -5.05
C VAL B 245 -5.20 -28.27 -6.50
N LEU B 246 -5.76 -27.36 -7.29
CA LEU B 246 -5.36 -27.20 -8.67
C LEU B 246 -4.58 -25.89 -8.84
N VAL B 247 -3.37 -25.98 -9.38
CA VAL B 247 -2.53 -24.78 -9.62
C VAL B 247 -2.24 -24.63 -11.12
N GLU B 248 -2.64 -23.50 -11.71
CA GLU B 248 -2.44 -23.26 -13.13
C GLU B 248 -1.35 -22.19 -13.36
N THR B 249 -0.54 -22.41 -14.38
CA THR B 249 0.50 -21.46 -14.80
C THR B 249 0.14 -20.70 -16.08
N LEU B 250 0.85 -19.59 -16.32
CA LEU B 250 0.64 -18.71 -17.47
C LEU B 250 0.87 -19.45 -18.80
N ASN B 251 1.84 -20.36 -18.83
CA ASN B 251 2.14 -21.15 -20.03
C ASN B 251 1.22 -22.36 -20.17
N HIS B 252 0.06 -22.32 -19.50
CA HIS B 252 -1.01 -23.28 -19.74
C HIS B 252 -0.69 -24.71 -19.29
N GLU B 253 -0.14 -24.87 -18.09
CA GLU B 253 0.04 -26.15 -17.46
C GLU B 253 -0.80 -26.18 -16.20
N MET B 254 -1.22 -27.39 -15.80
CA MET B 254 -2.00 -27.61 -14.59
C MET B 254 -1.31 -28.61 -13.67
N TYR B 255 -1.24 -28.27 -12.38
CA TYR B 255 -0.60 -29.11 -11.36
C TYR B 255 -1.64 -29.40 -10.31
N GLU B 256 -1.59 -30.58 -9.74
CA GLU B 256 -2.56 -31.01 -8.76
C GLU B 256 -1.77 -31.51 -7.56
N ALA B 257 -2.15 -31.06 -6.37
CA ALA B 257 -1.42 -31.38 -5.14
C ALA B 257 -2.35 -31.47 -3.94
N LYS B 258 -1.85 -32.08 -2.87
CA LYS B 258 -2.62 -32.13 -1.63
C LYS B 258 -2.58 -30.76 -0.91
N TYR B 259 -1.44 -30.06 -1.00
CA TYR B 259 -1.27 -28.76 -0.33
C TYR B 259 -0.38 -27.83 -1.19
N VAL B 260 -0.38 -26.53 -0.88
CA VAL B 260 0.48 -25.54 -1.58
C VAL B 260 1.23 -24.70 -0.54
N ILE B 261 2.47 -24.33 -0.86
CA ILE B 261 3.17 -23.31 -0.10
C ILE B 261 3.31 -22.08 -0.99
N SER B 262 2.84 -20.95 -0.51
CA SER B 262 3.06 -19.68 -1.20
C SER B 262 4.34 -19.06 -0.66
N ALA B 263 5.39 -19.02 -1.49
CA ALA B 263 6.70 -18.50 -1.04
C ALA B 263 7.12 -17.23 -1.80
N ILE B 264 6.16 -16.35 -2.04
CA ILE B 264 6.38 -15.12 -2.80
C ILE B 264 6.11 -13.94 -1.85
N PRO B 265 6.61 -12.71 -2.17
CA PRO B 265 6.32 -11.56 -1.30
C PRO B 265 4.79 -11.43 -1.15
N PRO B 266 4.28 -11.02 0.01
CA PRO B 266 2.83 -11.00 0.22
C PRO B 266 2.01 -10.30 -0.88
N THR B 267 2.43 -9.11 -1.28
CA THR B 267 1.65 -8.38 -2.26
C THR B 267 1.59 -9.10 -3.62
N LEU B 268 2.64 -9.86 -3.98
CA LEU B 268 2.63 -10.62 -5.25
C LEU B 268 1.60 -11.75 -5.30
N GLY B 269 0.99 -12.07 -4.17
CA GLY B 269 -0.27 -12.87 -4.15
C GLY B 269 -1.38 -12.27 -5.02
N MET B 270 -1.33 -10.95 -5.29
CA MET B 270 -2.34 -10.34 -6.13
CA MET B 270 -2.32 -10.30 -6.14
C MET B 270 -2.29 -10.82 -7.58
N LYS B 271 -1.15 -11.33 -8.02
CA LYS B 271 -0.99 -11.83 -9.40
C LYS B 271 -1.71 -13.17 -9.66
N ILE B 272 -2.27 -13.74 -8.60
CA ILE B 272 -2.95 -15.04 -8.65
C ILE B 272 -4.47 -14.83 -8.45
N HIS B 273 -5.29 -15.42 -9.31
CA HIS B 273 -6.76 -15.34 -9.20
C HIS B 273 -7.18 -16.54 -8.37
N PHE B 274 -7.97 -16.32 -7.32
CA PHE B 274 -8.30 -17.39 -6.37
C PHE B 274 -9.74 -17.88 -6.49
N ASN B 275 -9.92 -19.20 -6.42
CA ASN B 275 -11.24 -19.82 -6.33
C ASN B 275 -11.22 -20.83 -5.19
N PRO B 276 -12.07 -20.65 -4.15
CA PRO B 276 -12.98 -19.52 -3.92
C PRO B 276 -12.15 -18.26 -3.61
N PRO B 277 -12.79 -17.09 -3.60
CA PRO B 277 -12.05 -15.86 -3.25
C PRO B 277 -11.36 -16.01 -1.90
N LEU B 278 -10.24 -15.31 -1.72
CA LEU B 278 -9.57 -15.26 -0.42
C LEU B 278 -10.52 -14.70 0.64
N PRO B 279 -10.33 -15.08 1.92
CA PRO B 279 -11.09 -14.41 2.98
C PRO B 279 -10.83 -12.90 2.93
N MET B 280 -11.79 -12.11 3.39
CA MET B 280 -11.71 -10.68 3.25
CA MET B 280 -11.70 -10.66 3.27
C MET B 280 -10.42 -10.03 3.84
N MET B 281 -9.96 -10.48 5.02
CA MET B 281 -8.78 -9.81 5.62
C MET B 281 -7.52 -10.01 4.77
N ARG B 282 -7.33 -11.21 4.21
CA ARG B 282 -6.18 -11.41 3.25
C ARG B 282 -6.38 -10.70 1.93
N ASN B 283 -7.60 -10.75 1.37
CA ASN B 283 -7.94 -9.97 0.15
C ASN B 283 -7.43 -8.51 0.22
N GLN B 284 -7.70 -7.84 1.36
CA GLN B 284 -7.27 -6.44 1.51
C GLN B 284 -5.80 -6.34 1.94
N MET B 285 -5.33 -7.26 2.78
CA MET B 285 -3.91 -7.19 3.25
C MET B 285 -2.91 -7.10 2.10
N ILE B 286 -3.10 -7.93 1.07
CA ILE B 286 -2.12 -8.09 0.00
C ILE B 286 -2.09 -6.86 -0.95
N THR B 287 -3.00 -5.89 -0.71
CA THR B 287 -2.95 -4.57 -1.37
C THR B 287 -2.30 -3.47 -0.52
N ARG B 288 -1.88 -3.80 0.70
CA ARG B 288 -1.48 -2.78 1.69
C ARG B 288 0.00 -2.83 2.07
N VAL B 289 0.76 -3.65 1.35
CA VAL B 289 2.09 -4.09 1.81
C VAL B 289 3.14 -3.98 0.67
N PRO B 290 3.59 -2.75 0.39
CA PRO B 290 4.58 -2.58 -0.69
C PRO B 290 5.98 -3.02 -0.27
N LEU B 291 6.86 -3.15 -1.26
CA LEU B 291 8.31 -3.37 -0.97
C LEU B 291 9.10 -2.08 -1.20
N GLY B 292 10.30 -1.99 -0.60
CA GLY B 292 11.10 -0.77 -0.71
C GLY B 292 11.75 -0.58 -2.08
N SER B 293 12.56 0.46 -2.20
CA SER B 293 13.16 0.87 -3.47
C SER B 293 14.66 1.03 -3.29
N VAL B 294 15.43 0.42 -4.19
CA VAL B 294 16.89 0.44 -4.10
C VAL B 294 17.57 0.07 -5.42
N ILE B 295 18.69 0.74 -5.71
CA ILE B 295 19.61 0.27 -6.76
C ILE B 295 20.89 -0.13 -6.08
N LYS B 296 21.35 -1.35 -6.33
CA LYS B 296 22.63 -1.79 -5.79
C LYS B 296 23.68 -1.62 -6.89
N CYS B 297 24.79 -0.95 -6.57
CA CYS B 297 25.76 -0.47 -7.56
C CYS B 297 27.14 -0.88 -7.11
N ILE B 298 27.92 -1.45 -8.02
CA ILE B 298 29.28 -1.90 -7.66
C ILE B 298 30.28 -1.31 -8.69
N VAL B 299 31.20 -0.47 -8.17
CA VAL B 299 32.25 0.18 -8.99
C VAL B 299 33.57 -0.53 -8.73
N TYR B 300 34.24 -0.97 -9.80
CA TYR B 300 35.47 -1.78 -9.74
C TYR B 300 36.68 -0.89 -10.03
N TYR B 301 37.80 -1.20 -9.37
CA TYR B 301 39.04 -0.44 -9.49
C TYR B 301 40.24 -1.39 -9.64
N LYS B 302 41.35 -0.86 -10.14
CA LYS B 302 42.57 -1.65 -10.29
C LYS B 302 43.06 -2.18 -8.92
N GLU B 303 43.00 -1.36 -7.87
CA GLU B 303 43.43 -1.80 -6.52
C GLU B 303 42.45 -1.28 -5.46
N PRO B 304 42.47 -1.88 -4.25
CA PRO B 304 41.64 -1.32 -3.15
C PRO B 304 42.38 -0.11 -2.51
N PHE B 305 42.46 0.97 -3.30
CA PHE B 305 43.36 2.10 -3.00
C PHE B 305 43.04 2.80 -1.68
N TRP B 306 41.77 2.70 -1.21
CA TRP B 306 41.35 3.31 0.04
C TRP B 306 42.08 2.71 1.26
N ARG B 307 42.44 1.43 1.20
CA ARG B 307 43.21 0.79 2.27
C ARG B 307 44.58 1.48 2.57
N LYS B 308 45.20 2.04 1.54
CA LYS B 308 46.50 2.75 1.67
C LYS B 308 46.37 4.00 2.53
N LYS B 309 45.17 4.57 2.60
CA LYS B 309 44.91 5.73 3.40
C LYS B 309 44.31 5.35 4.76
N ASP B 310 44.38 4.07 5.12
CA ASP B 310 43.79 3.55 6.36
C ASP B 310 42.24 3.78 6.41
N TYR B 311 41.57 3.59 5.27
CA TYR B 311 40.09 3.54 5.21
C TYR B 311 39.67 2.13 4.80
N CYS B 312 38.63 1.57 5.42
CA CYS B 312 38.28 0.17 5.08
C CYS B 312 37.36 0.11 3.87
N GLY B 313 36.71 1.24 3.53
CA GLY B 313 35.81 1.26 2.39
C GLY B 313 34.35 1.49 2.81
N THR B 314 34.08 1.40 4.12
CA THR B 314 32.73 1.71 4.66
C THR B 314 32.56 3.21 4.75
N MET B 315 31.49 3.76 4.15
CA MET B 315 31.19 5.18 4.18
C MET B 315 29.73 5.37 4.56
N ILE B 316 29.48 6.25 5.54
CA ILE B 316 28.10 6.70 5.88
C ILE B 316 28.04 8.15 5.42
N ILE B 317 27.23 8.43 4.41
CA ILE B 317 27.31 9.70 3.66
C ILE B 317 25.99 10.45 3.75
N ASP B 318 25.98 11.57 4.49
CA ASP B 318 24.73 12.31 4.73
C ASP B 318 24.42 13.30 3.60
N GLY B 319 23.18 13.76 3.54
CA GLY B 319 22.80 14.85 2.64
C GLY B 319 22.02 14.44 1.41
N GLU B 320 21.19 15.36 0.93
CA GLU B 320 20.35 15.08 -0.24
C GLU B 320 21.14 14.87 -1.51
N GLU B 321 22.23 15.62 -1.70
CA GLU B 321 22.92 15.59 -2.99
C GLU B 321 23.68 14.28 -3.23
N ALA B 322 24.08 13.55 -2.17
CA ALA B 322 24.85 12.31 -2.38
C ALA B 322 23.94 11.23 -2.96
N PRO B 323 24.28 10.63 -4.12
CA PRO B 323 23.36 9.59 -4.62
C PRO B 323 23.33 8.31 -3.75
N VAL B 324 24.46 7.98 -3.16
CA VAL B 324 24.65 6.77 -2.34
C VAL B 324 24.90 7.22 -0.92
N ALA B 325 24.11 6.70 0.03
CA ALA B 325 24.30 7.06 1.44
C ALA B 325 25.12 6.05 2.26
N TYR B 326 25.37 4.86 1.69
CA TYR B 326 26.14 3.83 2.41
C TYR B 326 26.93 2.93 1.46
N THR B 327 28.17 2.64 1.85
CA THR B 327 29.05 1.76 1.04
C THR B 327 29.78 0.76 1.93
N LEU B 328 30.17 -0.37 1.31
CA LEU B 328 31.12 -1.32 1.89
C LEU B 328 32.17 -1.70 0.85
N ASP B 329 33.34 -2.11 1.33
CA ASP B 329 34.37 -2.69 0.46
C ASP B 329 33.81 -4.00 -0.11
N ASP B 330 33.80 -4.14 -1.45
CA ASP B 330 33.35 -5.39 -2.10
C ASP B 330 34.49 -6.19 -2.76
N THR B 331 35.75 -5.89 -2.38
CA THR B 331 36.91 -6.62 -2.94
C THR B 331 36.85 -8.11 -2.56
N LYS B 332 37.34 -8.97 -3.43
CA LYS B 332 37.31 -10.43 -3.15
C LYS B 332 38.26 -10.78 -2.01
N PRO B 333 38.03 -11.94 -1.34
CA PRO B 333 38.84 -12.23 -0.15
C PRO B 333 40.33 -12.37 -0.51
N GLU B 334 40.60 -12.70 -1.78
CA GLU B 334 41.98 -12.85 -2.30
C GLU B 334 42.65 -11.50 -2.52
N GLY B 335 41.87 -10.41 -2.46
CA GLY B 335 42.45 -9.06 -2.53
C GLY B 335 42.36 -8.47 -3.93
N ASN B 336 41.79 -9.24 -4.85
CA ASN B 336 41.65 -8.81 -6.22
C ASN B 336 40.20 -8.47 -6.54
N TYR B 337 39.96 -8.03 -7.78
CA TYR B 337 38.68 -7.44 -8.23
C TYR B 337 38.24 -6.36 -7.23
N ALA B 338 39.16 -5.44 -6.91
CA ALA B 338 38.88 -4.32 -5.99
C ALA B 338 37.58 -3.62 -6.37
N ALA B 339 36.75 -3.32 -5.37
CA ALA B 339 35.44 -2.75 -5.67
C ALA B 339 34.82 -2.06 -4.42
N ILE B 340 33.96 -1.09 -4.67
CA ILE B 340 33.09 -0.51 -3.65
C ILE B 340 31.63 -0.79 -4.01
N MET B 341 30.90 -1.36 -3.05
CA MET B 341 29.45 -1.54 -3.19
C MET B 341 28.73 -0.35 -2.55
N GLY B 342 27.75 0.23 -3.26
CA GLY B 342 26.92 1.28 -2.63
C GLY B 342 25.44 1.08 -2.92
N PHE B 343 24.57 1.57 -2.04
CA PHE B 343 23.11 1.50 -2.26
C PHE B 343 22.58 2.90 -2.55
N ILE B 344 21.75 3.02 -3.59
CA ILE B 344 20.99 4.23 -3.87
C ILE B 344 19.60 3.95 -3.27
N LEU B 345 19.22 4.71 -2.24
CA LEU B 345 18.12 4.30 -1.36
C LEU B 345 16.82 5.09 -1.52
N ALA B 346 15.70 4.35 -1.46
CA ALA B 346 14.36 4.94 -1.28
C ALA B 346 14.06 5.97 -2.37
N HIS B 347 13.70 7.22 -2.04
CA HIS B 347 13.39 8.22 -3.11
C HIS B 347 14.52 8.45 -4.12
N LYS B 348 15.80 8.29 -3.71
CA LYS B 348 16.90 8.47 -4.68
C LYS B 348 16.91 7.39 -5.76
N ALA B 349 16.44 6.17 -5.44
CA ALA B 349 16.34 5.11 -6.44
C ALA B 349 15.34 5.52 -7.51
N ARG B 350 14.23 6.16 -7.10
CA ARG B 350 13.21 6.63 -8.04
C ARG B 350 13.76 7.81 -8.86
N LYS B 351 14.38 8.77 -8.16
CA LYS B 351 14.93 9.98 -8.81
C LYS B 351 16.02 9.69 -9.86
N LEU B 352 16.99 8.85 -9.50
CA LEU B 352 18.17 8.62 -10.32
C LEU B 352 17.99 7.53 -11.39
N ALA B 353 16.86 6.82 -11.34
CA ALA B 353 16.59 5.77 -12.33
C ALA B 353 16.43 6.36 -13.73
N ARG B 354 16.06 7.63 -13.81
CA ARG B 354 15.92 8.40 -15.06
C ARG B 354 17.23 8.59 -15.84
N LEU B 355 18.36 8.48 -15.14
CA LEU B 355 19.68 8.65 -15.76
C LEU B 355 20.14 7.40 -16.54
N THR B 356 21.18 7.52 -17.35
CA THR B 356 21.77 6.32 -17.95
C THR B 356 22.71 5.65 -16.96
N LYS B 357 23.05 4.39 -17.22
CA LYS B 357 24.07 3.66 -16.45
C LYS B 357 25.41 4.44 -16.36
N GLU B 358 25.86 5.01 -17.49
CA GLU B 358 27.09 5.82 -17.53
C GLU B 358 26.98 7.09 -16.68
N GLU B 359 25.81 7.74 -16.70
CA GLU B 359 25.59 8.92 -15.86
C GLU B 359 25.62 8.60 -14.33
N ARG B 360 25.01 7.50 -13.93
CA ARG B 360 25.08 7.05 -12.54
C ARG B 360 26.53 6.71 -12.15
N LEU B 361 27.27 6.02 -13.02
CA LEU B 361 28.69 5.68 -12.73
C LEU B 361 29.49 6.95 -12.45
N LYS B 362 29.30 7.98 -13.29
CA LYS B 362 30.04 9.26 -13.10
C LYS B 362 29.71 9.90 -11.76
N LYS B 363 28.43 9.97 -11.39
CA LYS B 363 27.98 10.54 -10.10
C LYS B 363 28.58 9.80 -8.92
N LEU B 364 28.63 8.47 -9.00
CA LEU B 364 29.17 7.69 -7.89
C LEU B 364 30.68 7.90 -7.76
N CYS B 365 31.39 7.88 -8.89
CA CYS B 365 32.86 8.03 -8.85
C CYS B 365 33.24 9.39 -8.30
N GLU B 366 32.52 10.43 -8.74
CA GLU B 366 32.78 11.78 -8.17
C GLU B 366 32.47 11.89 -6.67
N LEU B 367 31.37 11.28 -6.23
CA LEU B 367 31.07 11.20 -4.80
C LEU B 367 32.21 10.46 -4.03
N TYR B 368 32.59 9.27 -4.49
CA TYR B 368 33.62 8.51 -3.77
C TYR B 368 34.97 9.23 -3.76
N ALA B 369 35.28 9.97 -4.83
CA ALA B 369 36.55 10.74 -4.87
C ALA B 369 36.55 11.77 -3.75
N LYS B 370 35.40 12.42 -3.54
CA LYS B 370 35.29 13.42 -2.50
C LYS B 370 35.36 12.80 -1.10
N VAL B 371 34.62 11.71 -0.91
CA VAL B 371 34.53 11.11 0.41
C VAL B 371 35.84 10.41 0.84
N LEU B 372 36.43 9.68 -0.08
CA LEU B 372 37.72 9.02 0.17
C LEU B 372 38.92 9.93 -0.01
N GLY B 373 38.68 11.14 -0.51
CA GLY B 373 39.78 12.12 -0.75
C GLY B 373 40.84 11.56 -1.70
N SER B 374 40.40 10.98 -2.81
CA SER B 374 41.33 10.31 -3.71
C SER B 374 40.91 10.44 -5.17
N LEU B 375 41.84 10.93 -6.01
CA LEU B 375 41.57 10.99 -7.43
C LEU B 375 41.47 9.59 -8.07
N GLU B 376 41.97 8.56 -7.39
CA GLU B 376 41.93 7.19 -7.95
C GLU B 376 40.49 6.71 -8.12
N ALA B 377 39.58 7.32 -7.37
CA ALA B 377 38.13 6.98 -7.48
C ALA B 377 37.50 7.38 -8.82
N LEU B 378 38.17 8.28 -9.53
CA LEU B 378 37.71 8.77 -10.82
C LEU B 378 38.10 7.85 -12.00
N GLU B 379 38.80 6.76 -11.72
CA GLU B 379 39.27 5.83 -12.77
C GLU B 379 38.71 4.42 -12.61
N PRO B 380 37.36 4.26 -12.70
CA PRO B 380 36.82 2.89 -12.58
C PRO B 380 37.27 2.00 -13.75
N VAL B 381 37.41 0.69 -13.51
CA VAL B 381 37.72 -0.26 -14.59
C VAL B 381 36.49 -1.06 -15.04
N HIS B 382 35.42 -1.05 -14.25
CA HIS B 382 34.21 -1.77 -14.62
C HIS B 382 33.07 -1.30 -13.70
N TYR B 383 31.83 -1.56 -14.11
CA TYR B 383 30.63 -1.14 -13.30
C TYR B 383 29.52 -2.16 -13.46
N GLU B 384 28.88 -2.58 -12.36
CA GLU B 384 27.64 -3.37 -12.44
C GLU B 384 26.56 -2.74 -11.52
N GLU B 385 25.30 -2.84 -11.92
CA GLU B 385 24.21 -2.33 -11.06
C GLU B 385 22.91 -3.07 -11.31
N LYS B 386 21.99 -3.02 -10.35
CA LYS B 386 20.65 -3.58 -10.51
C LYS B 386 19.63 -2.75 -9.75
N ASN B 387 18.63 -2.28 -10.48
CA ASN B 387 17.54 -1.52 -9.90
C ASN B 387 16.39 -2.50 -9.61
N TRP B 388 16.16 -2.84 -8.34
CA TRP B 388 15.14 -3.82 -8.00
C TRP B 388 13.70 -3.29 -8.14
N CYS B 389 13.54 -1.97 -8.31
CA CYS B 389 12.20 -1.38 -8.50
C CYS B 389 11.58 -1.86 -9.81
N GLU B 390 12.41 -2.34 -10.74
CA GLU B 390 11.95 -2.75 -12.08
C GLU B 390 11.31 -4.14 -12.15
N GLU B 391 11.48 -4.94 -11.09
CA GLU B 391 11.20 -6.38 -11.17
C GLU B 391 9.73 -6.73 -10.96
N GLN B 392 9.06 -7.16 -12.02
CA GLN B 392 7.66 -7.63 -11.90
C GLN B 392 7.48 -8.70 -10.81
N TYR B 393 8.44 -9.63 -10.69
CA TYR B 393 8.24 -10.76 -9.79
C TYR B 393 8.97 -10.61 -8.45
N SER B 394 9.46 -9.41 -8.17
CA SER B 394 9.85 -9.08 -6.77
C SER B 394 8.98 -7.95 -6.19
N GLY B 395 8.78 -6.89 -6.97
CA GLY B 395 8.05 -5.68 -6.51
C GLY B 395 8.97 -4.62 -5.88
N GLY B 396 10.22 -5.01 -5.58
CA GLY B 396 11.24 -4.09 -4.99
C GLY B 396 12.24 -4.86 -4.12
N CYS B 397 13.05 -4.13 -3.33
CA CYS B 397 13.98 -4.73 -2.33
C CYS B 397 14.21 -3.73 -1.21
N TYR B 398 14.66 -4.17 -0.03
CA TYR B 398 14.94 -5.59 0.28
C TYR B 398 13.69 -6.39 0.57
N THR B 399 12.67 -5.71 1.13
CA THR B 399 11.57 -6.48 1.71
C THR B 399 10.28 -5.63 1.78
N THR B 400 9.23 -6.23 2.31
CA THR B 400 7.92 -5.56 2.45
C THR B 400 7.95 -4.64 3.68
N TYR B 401 7.51 -3.39 3.52
CA TYR B 401 7.35 -2.48 4.67
C TYR B 401 5.85 -2.24 4.93
N PHE B 402 5.54 -1.86 6.18
CA PHE B 402 4.13 -1.62 6.59
C PHE B 402 3.92 -0.12 6.84
N PRO B 403 3.03 0.52 6.05
CA PRO B 403 2.65 1.93 6.31
C PRO B 403 1.83 2.04 7.58
N PRO B 404 1.62 3.29 8.05
CA PRO B 404 0.94 3.43 9.34
C PRO B 404 -0.47 2.79 9.36
N GLY B 405 -0.75 2.08 10.45
CA GLY B 405 -2.08 1.47 10.69
C GLY B 405 -2.25 0.02 10.22
N ILE B 406 -1.30 -0.48 9.42
CA ILE B 406 -1.53 -1.75 8.71
C ILE B 406 -1.14 -2.98 9.56
N LEU B 407 -0.01 -2.90 10.26
CA LEU B 407 0.45 -4.06 11.01
C LEU B 407 -0.55 -4.51 12.11
N THR B 408 -1.16 -3.55 12.82
CA THR B 408 -2.09 -3.92 13.88
C THR B 408 -3.40 -4.44 13.28
N GLN B 409 -3.84 -3.88 12.15
CA GLN B 409 -5.11 -4.31 11.52
C GLN B 409 -5.04 -5.62 10.73
N TYR B 410 -3.88 -5.88 10.09
CA TYR B 410 -3.74 -6.99 9.16
C TYR B 410 -2.59 -7.95 9.46
N GLY B 411 -1.70 -7.61 10.40
CA GLY B 411 -0.50 -8.41 10.66
C GLY B 411 -0.73 -9.91 10.96
N ARG B 412 -1.76 -10.19 11.75
CA ARG B 412 -2.14 -11.57 12.11
C ARG B 412 -2.42 -12.46 10.88
N VAL B 413 -2.75 -11.83 9.74
CA VAL B 413 -3.16 -12.53 8.52
C VAL B 413 -1.97 -13.17 7.78
N LEU B 414 -0.77 -12.57 7.92
CA LEU B 414 0.36 -12.95 7.06
C LEU B 414 0.62 -14.45 7.01
N ARG B 415 0.70 -15.08 8.18
CA ARG B 415 0.99 -16.49 8.10
C ARG B 415 -0.17 -17.45 8.39
N GLN B 416 -1.38 -16.91 8.41
CA GLN B 416 -2.54 -17.74 8.65
C GLN B 416 -2.85 -18.59 7.40
N PRO B 417 -2.91 -19.92 7.54
CA PRO B 417 -3.25 -20.72 6.35
C PRO B 417 -4.63 -20.40 5.75
N VAL B 418 -4.76 -20.56 4.44
CA VAL B 418 -6.05 -20.42 3.76
C VAL B 418 -6.39 -21.80 3.19
N ASP B 419 -7.21 -22.55 3.94
CA ASP B 419 -7.59 -23.96 3.61
C ASP B 419 -6.32 -24.82 3.49
N ARG B 420 -5.92 -25.18 2.27
CA ARG B 420 -4.67 -25.99 2.07
C ARG B 420 -3.45 -25.19 1.54
N ILE B 421 -3.52 -23.86 1.59
CA ILE B 421 -2.35 -23.01 1.27
C ILE B 421 -1.71 -22.51 2.55
N TYR B 422 -0.40 -22.77 2.71
CA TYR B 422 0.43 -22.33 3.82
C TYR B 422 1.40 -21.25 3.28
N PHE B 423 1.88 -20.37 4.16
CA PHE B 423 2.62 -19.16 3.72
C PHE B 423 4.07 -19.12 4.21
N ALA B 424 5.00 -19.16 3.26
CA ALA B 424 6.43 -19.06 3.57
C ALA B 424 6.83 -17.63 3.15
N GLY B 425 8.09 -17.45 2.72
CA GLY B 425 8.61 -16.12 2.36
C GLY B 425 9.18 -15.37 3.56
N THR B 426 10.26 -14.62 3.34
CA THR B 426 10.97 -14.03 4.49
C THR B 426 10.06 -13.10 5.33
N GLU B 427 9.07 -12.47 4.69
CA GLU B 427 8.11 -11.56 5.41
C GLU B 427 7.35 -12.24 6.56
N THR B 428 7.24 -13.56 6.50
CA THR B 428 6.57 -14.34 7.54
C THR B 428 7.47 -14.87 8.67
N ALA B 429 8.77 -14.58 8.62
CA ALA B 429 9.69 -15.05 9.67
C ALA B 429 9.54 -14.26 10.98
N THR B 430 10.07 -14.81 12.06
CA THR B 430 10.03 -14.13 13.38
C THR B 430 11.45 -13.67 13.85
N HIS B 431 12.49 -14.02 13.09
CA HIS B 431 13.88 -13.65 13.43
C HIS B 431 14.58 -13.40 12.08
N TRP B 432 15.16 -12.21 11.91
CA TRP B 432 15.69 -11.74 10.62
C TRP B 432 14.72 -11.86 9.45
N SER B 433 13.44 -11.59 9.71
CA SER B 433 12.48 -11.37 8.62
C SER B 433 13.04 -10.25 7.77
N GLY B 434 12.94 -10.36 6.44
CA GLY B 434 13.51 -9.35 5.53
C GLY B 434 14.82 -9.88 4.91
N TYR B 435 15.41 -10.89 5.56
CA TYR B 435 16.73 -11.44 5.22
C TYR B 435 16.68 -12.88 4.67
N MET B 436 17.80 -13.32 4.11
CA MET B 436 17.97 -14.74 3.71
C MET B 436 17.73 -15.69 4.90
N GLU B 437 18.26 -15.34 6.07
CA GLU B 437 17.92 -16.08 7.33
C GLU B 437 16.38 -16.28 7.50
N GLY B 438 15.61 -15.20 7.40
CA GLY B 438 14.13 -15.31 7.56
C GLY B 438 13.50 -16.14 6.44
N ALA B 439 14.06 -16.08 5.25
CA ALA B 439 13.51 -16.91 4.17
C ALA B 439 13.63 -18.42 4.56
N VAL B 440 14.80 -18.82 5.10
CA VAL B 440 14.99 -20.21 5.53
C VAL B 440 14.03 -20.58 6.67
N GLU B 441 13.95 -19.73 7.69
CA GLU B 441 13.07 -19.99 8.83
C GLU B 441 11.63 -20.21 8.35
N ALA B 442 11.13 -19.30 7.50
CA ALA B 442 9.73 -19.34 7.10
C ALA B 442 9.45 -20.53 6.16
N GLY B 443 10.37 -20.84 5.26
CA GLY B 443 10.19 -22.00 4.32
C GLY B 443 10.13 -23.34 5.08
N GLU B 444 11.01 -23.51 6.05
CA GLU B 444 11.07 -24.75 6.81
C GLU B 444 9.90 -24.88 7.78
N ARG B 445 9.49 -23.76 8.39
CA ARG B 445 8.25 -23.75 9.22
C ARG B 445 6.97 -24.09 8.42
N ALA B 446 6.79 -23.45 7.24
CA ALA B 446 5.61 -23.70 6.41
C ALA B 446 5.62 -25.16 5.95
N ALA B 447 6.81 -25.68 5.60
CA ALA B 447 6.89 -27.13 5.25
C ALA B 447 6.49 -28.05 6.43
N ARG B 448 6.97 -27.73 7.63
CA ARG B 448 6.60 -28.52 8.80
CA ARG B 448 6.59 -28.49 8.82
C ARG B 448 5.10 -28.36 9.20
N GLU B 449 4.47 -27.20 8.92
CA GLU B 449 3.00 -27.11 9.11
C GLU B 449 2.29 -28.17 8.25
N ILE B 450 2.72 -28.34 6.99
CA ILE B 450 2.14 -29.36 6.10
C ILE B 450 2.41 -30.79 6.63
N LEU B 451 3.63 -31.05 7.08
CA LEU B 451 3.93 -32.37 7.65
C LEU B 451 3.02 -32.67 8.84
N HIS B 452 2.78 -31.66 9.67
CA HIS B 452 1.85 -31.80 10.80
C HIS B 452 0.42 -32.03 10.34
N ALA B 453 -0.05 -31.25 9.36
CA ALA B 453 -1.39 -31.49 8.79
C ALA B 453 -1.52 -32.90 8.19
N MET B 454 -0.42 -33.50 7.74
CA MET B 454 -0.44 -34.88 7.22
C MET B 454 -0.33 -35.96 8.33
N GLY B 455 -0.26 -35.56 9.58
CA GLY B 455 -0.05 -36.50 10.70
C GLY B 455 1.35 -37.08 10.84
N LYS B 456 2.33 -36.53 10.11
CA LYS B 456 3.71 -36.99 10.12
C LYS B 456 4.59 -36.55 11.31
N ILE B 457 4.30 -35.38 11.89
CA ILE B 457 5.03 -34.89 13.06
C ILE B 457 4.04 -34.28 14.05
N PRO B 458 4.41 -34.19 15.34
CA PRO B 458 3.54 -33.53 16.30
C PRO B 458 3.55 -31.99 16.20
N GLU B 459 2.52 -31.36 16.76
CA GLU B 459 2.43 -29.89 16.75
C GLU B 459 3.64 -29.13 17.31
N ASP B 460 4.27 -29.68 18.34
CA ASP B 460 5.45 -29.02 18.96
C ASP B 460 6.70 -29.07 18.09
N GLU B 461 6.65 -29.75 16.96
CA GLU B 461 7.78 -29.79 16.03
C GLU B 461 7.67 -28.82 14.84
N ILE B 462 6.56 -28.08 14.78
CA ILE B 462 6.36 -27.09 13.70
C ILE B 462 7.44 -25.97 13.77
N TRP B 463 7.64 -25.41 14.95
CA TRP B 463 8.67 -24.38 15.12
C TRP B 463 9.85 -25.04 15.78
N GLN B 464 11.04 -24.91 15.19
CA GLN B 464 12.23 -25.61 15.70
C GLN B 464 13.40 -24.65 15.92
N SER B 465 14.09 -24.74 17.08
CA SER B 465 15.30 -23.93 17.31
C SER B 465 16.47 -24.37 16.41
N GLU B 466 17.51 -23.55 16.30
CA GLU B 466 18.67 -23.84 15.45
C GLU B 466 19.93 -23.75 16.29
N PRO B 467 20.74 -24.80 16.28
CA PRO B 467 22.03 -24.71 17.03
C PRO B 467 22.90 -23.57 16.47
N GLU B 468 23.69 -22.93 17.33
CA GLU B 468 24.61 -21.86 16.85
C GLU B 468 25.71 -22.38 15.89
N SER B 469 25.96 -21.64 14.80
CA SER B 469 27.06 -21.94 13.85
C SER B 469 28.41 -22.00 14.59
N VAL B 470 29.18 -23.06 14.35
CA VAL B 470 30.56 -23.14 14.90
C VAL B 470 31.50 -22.21 14.11
N ASP B 471 31.16 -21.91 12.87
CA ASP B 471 32.00 -21.08 12.00
C ASP B 471 31.86 -19.58 12.21
N VAL B 472 30.66 -19.17 12.68
CA VAL B 472 30.28 -17.75 12.79
C VAL B 472 29.58 -17.56 14.15
N PRO B 473 30.32 -17.75 15.25
CA PRO B 473 29.65 -17.60 16.53
C PRO B 473 29.36 -16.13 16.86
N ALA B 474 28.31 -15.91 17.65
CA ALA B 474 27.94 -14.57 18.07
C ALA B 474 28.68 -14.18 19.33
N GLN B 475 29.14 -12.94 19.41
CA GLN B 475 29.62 -12.39 20.67
C GLN B 475 28.51 -11.52 21.26
N PRO B 476 28.46 -11.40 22.61
CA PRO B 476 27.43 -10.57 23.24
C PRO B 476 27.49 -9.08 22.80
N ILE B 477 26.33 -8.45 22.71
CA ILE B 477 26.22 -7.00 22.48
C ILE B 477 26.26 -6.35 23.86
N THR B 478 27.17 -5.42 24.09
CA THR B 478 27.27 -4.81 25.42
C THR B 478 27.05 -3.30 25.35
N THR B 479 26.86 -2.70 26.51
CA THR B 479 26.74 -1.23 26.65
C THR B 479 27.56 -0.81 27.89
N THR B 480 27.86 0.48 28.02
CA THR B 480 28.61 0.96 29.17
C THR B 480 27.65 1.54 30.18
N PHE B 481 28.11 1.68 31.43
CA PHE B 481 27.35 2.36 32.46
C PHE B 481 26.81 3.74 31.99
N LEU B 482 27.68 4.58 31.42
CA LEU B 482 27.25 5.88 30.92
C LEU B 482 26.19 5.78 29.81
N GLU B 483 26.36 4.86 28.87
CA GLU B 483 25.34 4.65 27.83
C GLU B 483 23.97 4.33 28.43
N ARG B 484 23.96 3.50 29.46
CA ARG B 484 22.71 3.09 30.10
C ARG B 484 22.05 4.21 30.91
N HIS B 485 22.85 5.11 31.48
CA HIS B 485 22.33 6.03 32.50
C HIS B 485 22.38 7.53 32.21
N LEU B 486 23.17 7.96 31.24
CA LEU B 486 23.12 9.37 30.88
C LEU B 486 21.70 9.81 30.53
N PRO B 487 21.31 11.02 30.96
CA PRO B 487 19.96 11.46 30.68
C PRO B 487 19.76 11.86 29.19
N SER B 488 18.52 11.89 28.74
CA SER B 488 18.16 12.47 27.45
C SER B 488 18.24 14.01 27.53
N VAL B 489 18.01 14.71 26.42
CA VAL B 489 17.97 16.18 26.43
C VAL B 489 16.83 16.74 27.32
N PRO B 490 15.57 16.27 27.14
CA PRO B 490 14.54 16.77 28.08
C PRO B 490 14.72 16.27 29.52
N GLY B 491 15.42 15.15 29.70
CA GLY B 491 15.77 14.63 31.03
C GLY B 491 16.75 15.54 31.77
N LEU B 492 17.75 16.03 31.05
CA LEU B 492 18.71 17.00 31.58
C LEU B 492 18.05 18.36 31.85
N LEU B 493 16.96 18.67 31.12
CA LEU B 493 16.19 19.88 31.35
C LEU B 493 15.26 19.76 32.56
N ARG B 494 14.62 18.60 32.72
CA ARG B 494 13.81 18.30 33.92
C ARG B 494 14.67 18.39 35.19
N LEU B 495 15.93 18.03 35.05
CA LEU B 495 16.91 18.09 36.13
C LEU B 495 17.62 19.47 36.16
N ILE B 496 16.95 20.50 35.65
CA ILE B 496 17.48 21.88 35.60
C ILE B 496 16.41 22.93 35.27
PA FA8 C . -15.32 -0.39 -10.96
O1A FA8 C . -16.78 -0.02 -10.66
O2A FA8 C . -14.52 -0.93 -9.80
O5B FA8 C . -15.27 -1.29 -12.29
C5B FA8 C . -14.14 -2.07 -12.61
C4B FA8 C . -14.63 -3.34 -13.29
O4B FA8 C . -13.45 -4.07 -13.62
C3B FA8 C . -15.44 -4.21 -12.33
O3B FA8 C . -16.69 -4.55 -12.93
C2B FA8 C . -14.54 -5.44 -12.09
O2B FA8 C . -15.26 -6.65 -11.86
C1B FA8 C . -13.68 -5.44 -13.36
N9A FA8 C . -12.36 -6.10 -13.21
C8A FA8 C . -11.47 -6.08 -12.16
N7A FA8 C . -10.38 -6.81 -12.49
C5A FA8 C . -10.56 -7.30 -13.74
C6A FA8 C . -9.79 -8.13 -14.56
N6A FA8 C . -8.54 -8.53 -14.25
N1A FA8 C . -10.29 -8.43 -15.81
C2A FA8 C . -11.53 -7.99 -16.25
N3A FA8 C . -12.31 -7.20 -15.43
C4A FA8 C . -11.82 -6.87 -14.20
N1 FA8 C . -19.86 6.91 -5.92
C2 FA8 C . -20.88 7.84 -6.13
O2 FA8 C . -20.84 8.56 -7.13
N3 FA8 C . -21.95 7.91 -5.25
C4 FA8 C . -21.98 7.12 -4.11
O4 FA8 C . -23.00 7.10 -3.39
C4X FA8 C . -20.67 6.57 -3.59
N5 FA8 C . -20.73 5.65 -2.44
C5X FA8 C . -20.17 4.38 -2.59
C6 FA8 C . -20.49 3.40 -1.64
C7 FA8 C . -20.00 2.11 -1.76
C7M FA8 C . -20.40 1.18 -0.63
C8 FA8 C . -19.14 1.75 -2.83
C8M FA8 C . -18.56 0.35 -3.04
C9 FA8 C . -18.80 2.74 -3.77
C9A FA8 C . -19.34 4.05 -3.68
N10 FA8 C . -19.04 5.04 -4.62
C10 FA8 C . -19.92 6.08 -4.79
C1' FA8 C . -17.91 4.89 -5.61
C2' FA8 C . -18.40 4.33 -6.99
O2' FA8 C . -19.19 3.12 -6.86
C3' FA8 C . -17.19 4.12 -7.88
O3' FA8 C . -16.52 5.37 -8.02
C4' FA8 C . -17.53 3.73 -9.33
O4' FA8 C . -18.54 2.70 -9.37
C5' FA8 C . -16.23 3.24 -9.97
O5' FA8 C . -16.39 2.96 -11.38
P FA8 C . -15.12 2.35 -12.16
O1P FA8 C . -13.96 3.30 -12.17
O3P FA8 C . -14.62 1.11 -11.44
O2P FA8 C . -15.67 1.89 -13.46
C 3PL D . -17.56 9.00 -2.15
O 3PL D . -16.33 9.08 -2.14
CA 3PL D . -18.24 7.78 -2.75
CB 3PL D . -19.78 7.96 -2.95
CG 3PL D . -20.58 8.57 -1.75
CD1 3PL D . -21.46 9.65 -2.00
CE1 3PL D . -22.21 10.19 -0.95
CZ 3PL D . -22.08 9.67 0.34
CE2 3PL D . -21.21 8.60 0.58
CD2 3PL D . -20.47 8.05 -0.46
CAE XCG E . -21.50 17.07 8.08
CAM XCG E . -20.58 16.20 8.57
CAC XCG E . -19.38 16.36 9.27
CAA XCG E . -18.64 15.25 9.67
CAB XCG E . -19.11 13.95 9.43
CAD XCG E . -20.32 13.78 8.72
CAN XCG E . -21.04 14.91 8.31
OAJ XCG E . -22.24 15.04 7.65
CAL XCG E . -22.50 16.38 7.49
CAK XCG E . -23.68 16.76 6.82
NAH XCG E . -24.11 17.99 6.53
CAF XCG E . -25.42 17.97 5.82
CAG XCG E . -25.70 16.46 5.64
NAI XCG E . -24.54 15.85 6.37
C1 C15 F . 0.44 23.28 16.67
C2 C15 F . -0.72 23.40 17.66
C3 C15 F . -0.85 22.13 18.50
C5 C15 F . -0.19 33.33 24.56
C6 C15 F . 0.67 32.26 23.94
C7 C15 F . 1.11 31.17 24.93
C8 C15 F . 1.29 29.80 24.26
N1 C15 F . -2.01 22.12 19.42
C1N C15 F . -3.27 22.38 18.69
C2N C15 F . -2.05 20.75 19.95
C9 C15 F . 2.16 28.82 25.06
C10 C15 F . 1.48 27.47 25.30
C11 C15 F . 1.91 26.36 24.33
C12 C15 F . 0.77 25.94 23.38
C13 C15 F . 0.81 24.48 22.97
C14 C15 F . -0.58 23.98 22.58
C15 C15 F . -0.58 23.04 21.35
C16 C15 F . -1.88 23.14 20.52
S1 C15 F . 1.20 24.77 16.49
O1S C15 F . 2.21 24.65 15.41
O2S C15 F . 1.86 25.08 17.78
O3S C15 F . 0.22 25.83 16.15
PA FA8 G . 12.08 -14.13 -3.11
O1A FA8 G . 13.60 -14.08 -3.15
O2A FA8 G . 11.40 -12.83 -3.51
O5B FA8 G . 11.56 -15.41 -3.89
C5B FA8 G . 10.24 -15.43 -4.43
C4B FA8 G . 10.32 -16.18 -5.77
O4B FA8 G . 8.98 -16.25 -6.20
C3B FA8 G . 11.07 -15.41 -6.85
O3B FA8 G . 12.01 -16.28 -7.49
C2B FA8 G . 9.99 -14.95 -7.82
O2B FA8 G . 10.47 -14.91 -9.16
C1B FA8 G . 8.90 -15.97 -7.61
N9A FA8 G . 7.51 -15.58 -7.99
C8A FA8 G . 6.85 -14.38 -7.82
N7A FA8 G . 5.58 -14.48 -8.24
C5A FA8 G . 5.42 -15.73 -8.77
C6A FA8 G . 4.34 -16.36 -9.39
N6A FA8 G . 3.15 -15.74 -9.56
N1A FA8 G . 4.46 -17.68 -9.77
C2A FA8 G . 5.65 -18.37 -9.59
N3A FA8 G . 6.74 -17.75 -9.00
C4A FA8 G . 6.62 -16.44 -8.58
N1 FA8 G . 19.16 -10.23 2.81
C2 FA8 G . 20.25 -10.68 3.52
O2 FA8 G . 20.15 -11.65 4.26
N3 FA8 G . 21.46 -10.01 3.33
C4 FA8 G . 21.55 -8.92 2.49
O4 FA8 G . 22.67 -8.44 2.23
C4X FA8 G . 20.34 -8.21 2.22
N5 FA8 G . 20.43 -7.08 1.24
C5X FA8 G . 19.63 -7.03 0.11
C6 FA8 G . 19.90 -6.13 -0.94
C7 FA8 G . 19.12 -6.13 -2.12
C7M FA8 G . 19.49 -5.15 -3.22
C8 FA8 G . 18.02 -7.01 -2.25
C8M FA8 G . 17.10 -7.02 -3.49
C9 FA8 G . 17.75 -7.88 -1.17
C9A FA8 G . 18.53 -7.90 0.01
N10 FA8 G . 18.26 -8.76 1.09
C10 FA8 G . 19.28 -9.14 1.95
C1' FA8 G . 16.93 -9.49 1.13
C2' FA8 G . 17.01 -10.97 0.69
O2' FA8 G . 17.50 -11.04 -0.65
C3' FA8 G . 15.58 -11.55 0.80
O3' FA8 G . 15.14 -11.54 2.16
C4' FA8 G . 15.43 -13.02 0.33
O4' FA8 G . 16.10 -13.23 -0.90
C5' FA8 G . 13.92 -13.29 0.15
O5' FA8 G . 13.71 -14.70 -0.14
P FA8 G . 12.25 -15.27 -0.42
O1P FA8 G . 11.35 -15.02 0.76
O3P FA8 G . 11.60 -14.40 -1.49
O2P FA8 G . 12.44 -16.65 -0.89
C 3PL H . 18.14 -6.06 5.12
O 3PL H . 17.01 -5.78 5.51
CA 3PL H . 18.39 -6.77 3.79
CB 3PL H . 19.85 -7.36 3.64
CG 3PL H . 21.01 -6.40 4.06
CD1 3PL H . 22.03 -6.86 4.94
CE1 3PL H . 23.09 -6.02 5.33
CZ 3PL H . 23.13 -4.71 4.82
CE2 3PL H . 22.12 -4.25 3.95
CD2 3PL H . 21.07 -5.09 3.56
CAE XCG I . 26.06 2.91 11.76
CAM XCG I . 25.11 3.67 11.15
CAC XCG I . 24.17 4.63 11.60
CAA XCG I . 23.32 5.23 10.65
CAB XCG I . 23.36 4.87 9.29
CAD XCG I . 24.29 3.91 8.86
CAN XCG I . 25.13 3.32 9.79
OAJ XCG I . 26.14 2.37 9.63
CAL XCG I . 26.68 2.13 10.84
CAK XCG I . 27.72 1.19 10.96
NAH XCG I . 28.19 0.48 9.93
CAF XCG I . 29.21 -0.51 10.37
CAG XCG I . 29.38 -0.19 11.87
NAI XCG I . 28.33 0.84 12.10
C1 C15 J . 8.68 16.36 21.88
C2 C15 J . 9.85 17.33 21.74
C3 C15 J . 9.68 18.11 20.45
C5 C15 J . 9.64 27.73 31.13
C6 C15 J . 10.14 27.33 29.76
C7 C15 J . 9.43 26.07 29.23
C8 C15 J . 9.81 25.77 27.78
N1 C15 J . 10.94 18.65 19.89
C1N C15 J . 12.01 17.64 19.95
C2N C15 J . 10.67 18.96 18.49
C9 C15 J . 9.28 24.41 27.30
C10 C15 J . 10.26 23.67 26.37
C11 C15 J . 9.58 22.98 25.19
C12 C15 J . 10.24 23.34 23.85
C13 C15 J . 9.67 22.56 22.66
C14 C15 J . 10.77 22.07 21.72
C15 C15 J . 10.30 20.92 20.83
C16 C15 J . 11.39 19.87 20.60
S1 C15 J . 7.91 16.51 23.36
O1S C15 J . 6.55 15.92 23.19
O2S C15 J . 7.81 17.93 23.75
O3S C15 J . 8.64 15.76 24.41
#